data_3LAD
#
_entry.id   3LAD
#
_cell.length_a   64.130
_cell.length_b   83.860
_cell.length_c   191.960
_cell.angle_alpha   90.00
_cell.angle_beta   90.00
_cell.angle_gamma   90.00
#
_symmetry.space_group_name_H-M   'P 21 21 21'
#
loop_
_entity.id
_entity.type
_entity.pdbx_description
1 polymer 'DIHYDROLIPOAMIDE DEHYDROGENASE'
2 non-polymer 'FLAVIN-ADENINE DINUCLEOTIDE'
3 water water
#
_entity_poly.entity_id   1
_entity_poly.type   'polypeptide(L)'
_entity_poly.pdbx_seq_one_letter_code
;SQKFDVIVIGAGPGGYVAAIKSAQLGLKTALIEKYKGKEGKTALGGTCLNVGCIPSKALLDSSYKFHEAHESFKLHGIST
GEVAIDVPTMIARKDQIVRNLTGGVASLIKANGVTLFEGHGKLLAGKKVEVTAADGSSQVLDTENVILASGSKPVEIPPA
PVDQDVIVDSTGALDFQNVPGKLGVIGAGVIGLELGSVWARLGAEVTVLEAMDKFLPAVDEQVAKEAQKILTKQGLKILL
GARVTGTEVKNKQVTVKFVDAEGEKSQAFDKLIVAVGRRPVTTDLLAADSGVTLDERGFIYVDDYCATSVPGVYAIGDVV
RGAMLAHKASEEGVVVAERIAGHKAQMNYDLIPAVIYTHPEIAGVGKTEQALKAEGVAINVGVFPFAASGRAMAANDTAG
FVKVIADAKTDRVLGVHVIGPSAAELVQQGAIAMEFGTSAEDLGMMVFAHPALSEALHEAALAVSGHAIHVANRKK
;
_entity_poly.pdbx_strand_id   A,B
#
# COMPACT_ATOMS: atom_id res chain seq x y z
N SER A 1 5.13 11.49 48.62
CA SER A 1 4.18 11.35 47.52
C SER A 1 4.17 10.10 46.64
N GLN A 2 2.88 9.70 46.54
CA GLN A 2 2.21 8.57 45.89
C GLN A 2 2.87 7.24 45.44
N LYS A 3 4.22 7.23 45.25
CA LYS A 3 5.14 6.15 44.88
C LYS A 3 4.80 5.18 43.71
N PHE A 4 5.74 5.23 42.75
CA PHE A 4 5.61 4.66 41.42
C PHE A 4 6.74 3.73 41.07
N ASP A 5 6.55 3.01 39.96
CA ASP A 5 7.51 2.02 39.48
C ASP A 5 8.16 2.64 38.29
N VAL A 6 7.36 3.33 37.45
CA VAL A 6 8.00 4.10 36.39
C VAL A 6 7.39 5.50 36.35
N ILE A 7 8.17 6.58 36.13
CA ILE A 7 7.59 7.88 35.84
C ILE A 7 8.28 8.26 34.54
N VAL A 8 7.38 8.68 33.64
CA VAL A 8 7.73 9.03 32.28
C VAL A 8 7.57 10.55 32.14
N ILE A 9 8.61 11.27 31.69
CA ILE A 9 8.57 12.70 31.46
C ILE A 9 8.49 13.12 29.97
N GLY A 10 7.25 13.36 29.62
CA GLY A 10 6.97 13.66 28.24
C GLY A 10 5.99 12.61 27.68
N ALA A 11 4.96 13.10 26.99
CA ALA A 11 3.94 12.23 26.45
C ALA A 11 3.89 12.21 24.95
N GLY A 12 5.06 12.42 24.35
CA GLY A 12 5.20 12.31 22.91
C GLY A 12 5.16 10.85 22.48
N PRO A 13 5.20 10.49 21.18
CA PRO A 13 5.08 9.11 20.75
C PRO A 13 5.99 8.15 21.50
N GLY A 14 7.29 8.41 21.75
CA GLY A 14 8.06 7.53 22.60
C GLY A 14 7.48 7.32 24.00
N GLY A 15 7.32 8.42 24.77
CA GLY A 15 6.92 8.35 26.13
C GLY A 15 5.48 7.94 26.36
N TYR A 16 4.48 8.24 25.51
CA TYR A 16 3.12 7.80 25.90
C TYR A 16 3.02 6.31 25.62
N VAL A 17 3.69 5.78 24.60
CA VAL A 17 3.70 4.35 24.36
C VAL A 17 4.50 3.72 25.45
N ALA A 18 5.60 4.31 25.95
CA ALA A 18 6.41 3.71 27.05
C ALA A 18 5.58 3.50 28.29
N ALA A 19 4.66 4.46 28.54
CA ALA A 19 3.82 4.48 29.74
C ALA A 19 2.73 3.40 29.58
N ILE A 20 2.07 3.29 28.41
CA ILE A 20 1.15 2.21 28.12
C ILE A 20 1.83 0.85 28.29
N LYS A 21 3.04 0.62 27.76
CA LYS A 21 3.66 -0.67 27.80
C LYS A 21 4.05 -0.99 29.20
N SER A 22 4.55 -0.09 30.07
CA SER A 22 4.84 -0.40 31.48
C SER A 22 3.56 -0.77 32.19
N ALA A 23 2.43 -0.11 31.89
CA ALA A 23 1.15 -0.43 32.52
C ALA A 23 0.73 -1.79 32.08
N GLN A 24 0.84 -2.06 30.77
CA GLN A 24 0.57 -3.38 30.29
C GLN A 24 1.43 -4.44 30.98
N LEU A 25 2.63 -4.10 31.48
CA LEU A 25 3.50 -5.07 32.15
C LEU A 25 3.29 -5.21 33.65
N GLY A 26 2.47 -4.39 34.35
CA GLY A 26 2.29 -4.58 35.78
C GLY A 26 2.84 -3.46 36.70
N LEU A 27 3.52 -2.47 36.07
CA LEU A 27 4.18 -1.39 36.80
C LEU A 27 3.24 -0.23 37.08
N LYS A 28 3.19 0.32 38.28
CA LYS A 28 2.43 1.53 38.54
C LYS A 28 3.30 2.60 37.84
N THR A 29 2.74 3.16 36.77
CA THR A 29 3.38 4.13 35.89
C THR A 29 2.64 5.48 35.90
N ALA A 30 3.46 6.53 35.80
CA ALA A 30 2.97 7.89 35.85
C ALA A 30 3.43 8.63 34.62
N LEU A 31 2.51 9.41 34.00
CA LEU A 31 2.87 10.18 32.80
C LEU A 31 2.93 11.67 33.17
N ILE A 32 3.93 12.44 32.74
CA ILE A 32 3.99 13.87 33.02
C ILE A 32 4.01 14.60 31.69
N GLU A 33 3.27 15.69 31.49
CA GLU A 33 3.23 16.38 30.19
C GLU A 33 2.62 17.71 30.48
N LYS A 34 3.22 18.67 29.85
CA LYS A 34 2.78 20.05 29.99
C LYS A 34 2.31 20.67 28.68
N TYR A 35 2.16 20.02 27.53
CA TYR A 35 1.78 20.76 26.34
C TYR A 35 0.27 21.02 26.45
N LYS A 36 -0.12 22.27 26.17
CA LYS A 36 -1.51 22.67 26.13
C LYS A 36 -1.80 22.72 24.64
N GLY A 37 -2.83 22.09 24.10
CA GLY A 37 -3.07 22.13 22.65
C GLY A 37 -3.90 23.37 22.29
N LYS A 38 -3.79 24.00 21.10
CA LYS A 38 -4.61 25.19 20.77
C LYS A 38 -6.10 24.86 20.67
N GLU A 39 -6.65 24.99 21.87
CA GLU A 39 -8.03 24.72 22.26
C GLU A 39 -8.00 24.97 23.77
N GLY A 40 -6.95 24.59 24.52
CA GLY A 40 -6.82 24.98 25.91
C GLY A 40 -6.10 24.02 26.85
N LYS A 41 -6.54 22.77 26.88
CA LYS A 41 -6.02 21.80 27.83
C LYS A 41 -4.72 21.06 27.48
N THR A 42 -4.22 20.28 28.45
CA THR A 42 -3.08 19.40 28.29
C THR A 42 -3.42 18.39 27.18
N ALA A 43 -2.58 18.33 26.18
CA ALA A 43 -2.81 17.45 25.06
C ALA A 43 -1.57 16.57 24.91
N LEU A 44 -1.89 15.26 24.98
CA LEU A 44 -0.90 14.18 24.92
C LEU A 44 -0.60 13.92 23.49
N GLY A 45 0.56 13.38 23.13
CA GLY A 45 0.78 13.11 21.72
C GLY A 45 2.06 13.67 21.16
N GLY A 46 2.44 14.84 21.64
CA GLY A 46 3.75 15.39 21.35
C GLY A 46 3.85 16.04 19.99
N THR A 47 5.06 16.42 19.59
CA THR A 47 5.39 16.91 18.27
C THR A 47 4.74 16.14 17.17
N CYS A 48 4.48 14.86 17.35
CA CYS A 48 3.98 14.12 16.22
C CYS A 48 2.46 14.26 16.00
N LEU A 49 1.71 14.15 17.07
CA LEU A 49 0.25 14.17 16.96
C LEU A 49 -0.27 15.58 16.76
N ASN A 50 0.38 16.49 17.49
CA ASN A 50 -0.09 17.87 17.55
C ASN A 50 0.48 18.79 16.53
N VAL A 51 1.76 18.57 16.18
CA VAL A 51 2.48 19.55 15.36
C VAL A 51 3.55 19.06 14.35
N GLY A 52 3.48 17.75 14.09
CA GLY A 52 4.40 17.05 13.25
C GLY A 52 3.68 15.97 12.45
N CYS A 53 4.00 14.68 12.53
CA CYS A 53 3.46 13.61 11.69
C CYS A 53 2.09 13.67 11.06
N ILE A 54 1.09 13.71 11.93
CA ILE A 54 -0.31 13.71 11.53
C ILE A 54 -0.75 15.02 10.93
N PRO A 55 -0.41 16.22 11.45
CA PRO A 55 -0.59 17.45 10.75
C PRO A 55 -0.05 17.49 9.33
N SER A 56 1.22 17.17 9.07
CA SER A 56 1.75 17.34 7.76
C SER A 56 1.10 16.38 6.76
N LYS A 57 0.80 15.11 7.11
CA LYS A 57 0.16 14.13 6.22
C LYS A 57 -1.26 14.51 5.94
N ALA A 58 -1.95 15.08 6.93
CA ALA A 58 -3.30 15.52 6.78
C ALA A 58 -3.32 16.60 5.69
N LEU A 59 -2.46 17.62 5.68
CA LEU A 59 -2.46 18.70 4.71
C LEU A 59 -2.00 18.25 3.34
N LEU A 60 -1.05 17.29 3.40
CA LEU A 60 -0.48 16.64 2.23
C LEU A 60 -1.49 15.82 1.46
N ASP A 61 -2.52 15.30 2.12
CA ASP A 61 -3.54 14.53 1.41
C ASP A 61 -4.54 15.50 0.81
N SER A 62 -5.09 16.52 1.49
CA SER A 62 -5.95 17.50 0.85
C SER A 62 -5.30 18.23 -0.34
N SER A 63 -4.01 18.52 -0.30
CA SER A 63 -3.36 19.26 -1.38
C SER A 63 -3.14 18.41 -2.60
N TYR A 64 -2.89 17.16 -2.43
CA TYR A 64 -2.77 16.29 -3.56
C TYR A 64 -4.12 16.01 -4.26
N LYS A 65 -5.25 15.98 -3.52
CA LYS A 65 -6.58 15.77 -4.11
C LYS A 65 -6.79 17.00 -4.98
N PHE A 66 -6.59 18.21 -4.44
CA PHE A 66 -6.65 19.48 -5.18
C PHE A 66 -5.79 19.34 -6.43
N HIS A 67 -4.51 19.03 -6.31
CA HIS A 67 -3.56 18.87 -7.40
C HIS A 67 -4.06 17.90 -8.47
N GLU A 68 -4.73 16.86 -8.01
CA GLU A 68 -5.27 15.80 -8.85
C GLU A 68 -6.44 16.24 -9.72
N ALA A 69 -7.42 16.93 -9.13
CA ALA A 69 -8.62 17.37 -9.82
C ALA A 69 -8.26 18.46 -10.79
N HIS A 70 -7.25 19.23 -10.46
CA HIS A 70 -6.84 20.26 -11.37
C HIS A 70 -6.35 19.68 -12.69
N GLU A 71 -5.38 18.81 -12.61
CA GLU A 71 -4.80 18.23 -13.82
C GLU A 71 -4.64 16.72 -13.72
N SER A 72 -5.77 16.02 -13.79
CA SER A 72 -5.75 14.55 -13.74
C SER A 72 -7.13 13.96 -14.03
N PHE A 73 -8.13 14.63 -13.54
CA PHE A 73 -9.51 14.20 -13.73
C PHE A 73 -9.88 14.19 -15.24
N LYS A 74 -9.34 15.14 -16.00
CA LYS A 74 -9.58 15.25 -17.47
C LYS A 74 -9.37 13.89 -18.14
N LEU A 75 -8.24 13.25 -17.81
CA LEU A 75 -7.83 11.94 -18.34
C LEU A 75 -8.86 10.84 -18.19
N HIS A 76 -9.79 10.93 -17.26
CA HIS A 76 -10.81 9.96 -17.03
C HIS A 76 -12.16 10.48 -17.58
N GLY A 77 -12.20 11.51 -18.43
CA GLY A 77 -13.47 12.13 -18.81
C GLY A 77 -14.26 12.79 -17.68
N ILE A 78 -13.58 13.28 -16.68
CA ILE A 78 -14.26 14.01 -15.60
C ILE A 78 -14.26 15.50 -15.94
N SER A 79 -15.43 15.99 -16.29
CA SER A 79 -15.61 17.42 -16.64
C SER A 79 -16.06 18.21 -15.42
N THR A 80 -15.07 18.76 -14.76
CA THR A 80 -15.25 19.59 -13.56
C THR A 80 -15.51 21.03 -13.98
N GLY A 81 -15.56 21.90 -13.02
CA GLY A 81 -15.60 23.33 -13.30
C GLY A 81 -14.14 23.67 -13.60
N GLU A 82 -13.47 23.92 -12.50
CA GLU A 82 -12.01 24.14 -12.38
C GLU A 82 -11.75 24.46 -10.89
N VAL A 83 -11.07 23.48 -10.34
CA VAL A 83 -10.68 23.26 -8.92
C VAL A 83 -10.24 24.55 -8.09
N ALA A 84 -11.12 25.01 -7.09
CA ALA A 84 -10.91 26.23 -6.09
C ALA A 84 -10.65 25.64 -4.68
N ILE A 85 -9.99 26.36 -3.73
CA ILE A 85 -9.64 25.82 -2.41
C ILE A 85 -9.97 26.81 -1.29
N ASP A 86 -10.43 26.28 -0.15
CA ASP A 86 -10.71 27.12 0.97
C ASP A 86 -9.82 26.54 2.03
N VAL A 87 -8.66 27.17 2.17
CA VAL A 87 -7.64 26.85 3.16
C VAL A 87 -8.17 26.96 4.59
N PRO A 88 -8.98 27.94 5.06
CA PRO A 88 -9.58 27.87 6.40
C PRO A 88 -10.28 26.55 6.71
N THR A 89 -10.99 25.90 5.79
CA THR A 89 -11.65 24.59 5.97
C THR A 89 -10.64 23.43 6.00
N MET A 90 -9.62 23.57 5.16
CA MET A 90 -8.57 22.57 5.03
C MET A 90 -7.85 22.59 6.35
N ILE A 91 -7.62 23.68 7.10
CA ILE A 91 -6.87 23.44 8.36
C ILE A 91 -7.77 22.99 9.51
N ALA A 92 -9.07 23.21 9.32
CA ALA A 92 -10.10 22.96 10.33
C ALA A 92 -10.32 21.49 10.44
N ARG A 93 -10.29 20.85 9.27
CA ARG A 93 -10.29 19.38 9.09
C ARG A 93 -9.02 18.89 9.72
N LYS A 94 -7.79 19.37 9.46
CA LYS A 94 -6.64 18.81 10.17
C LYS A 94 -6.77 18.99 11.67
N ASP A 95 -7.28 20.14 12.16
CA ASP A 95 -7.49 20.43 13.59
C ASP A 95 -8.47 19.48 14.21
N GLN A 96 -9.44 18.94 13.47
CA GLN A 96 -10.29 17.93 14.06
C GLN A 96 -9.60 16.62 14.17
N ILE A 97 -8.79 16.25 13.15
CA ILE A 97 -8.03 15.01 13.15
C ILE A 97 -7.17 14.99 14.40
N VAL A 98 -6.39 16.04 14.63
CA VAL A 98 -5.57 16.17 15.82
C VAL A 98 -6.44 16.16 17.08
N ARG A 99 -7.53 16.91 17.20
CA ARG A 99 -8.36 16.85 18.39
C ARG A 99 -8.87 15.46 18.74
N ASN A 100 -9.38 14.76 17.76
CA ASN A 100 -9.83 13.38 17.87
C ASN A 100 -8.66 12.43 18.21
N LEU A 101 -7.50 12.53 17.61
CA LEU A 101 -6.44 11.62 17.99
C LEU A 101 -5.81 11.92 19.36
N THR A 102 -5.58 13.15 19.75
CA THR A 102 -5.12 13.58 21.07
C THR A 102 -6.08 13.02 22.09
N GLY A 103 -7.38 13.24 21.83
CA GLY A 103 -8.48 12.66 22.63
C GLY A 103 -8.36 11.14 22.75
N GLY A 104 -8.07 10.46 21.65
CA GLY A 104 -7.85 9.02 21.61
C GLY A 104 -6.73 8.61 22.52
N VAL A 105 -5.56 9.27 22.51
CA VAL A 105 -4.40 8.86 23.32
C VAL A 105 -4.71 9.01 24.79
N ALA A 106 -5.53 10.01 25.10
CA ALA A 106 -5.88 10.28 26.46
C ALA A 106 -6.78 9.21 26.98
N SER A 107 -7.66 8.70 26.13
CA SER A 107 -8.53 7.69 26.63
C SER A 107 -7.71 6.40 26.75
N LEU A 108 -6.72 6.17 25.88
CA LEU A 108 -5.85 5.02 25.98
C LEU A 108 -5.07 5.04 27.27
N ILE A 109 -4.50 6.13 27.79
CA ILE A 109 -3.63 5.97 28.95
C ILE A 109 -4.50 5.73 30.15
N LYS A 110 -5.65 6.37 30.18
CA LYS A 110 -6.64 6.20 31.20
C LYS A 110 -7.06 4.73 31.19
N ALA A 111 -7.44 4.17 30.05
CA ALA A 111 -7.81 2.77 30.05
C ALA A 111 -6.62 1.88 30.50
N ASN A 112 -5.40 2.05 30.00
CA ASN A 112 -4.29 1.24 30.47
C ASN A 112 -3.92 1.51 31.92
N GLY A 113 -4.55 2.55 32.53
CA GLY A 113 -4.45 2.96 33.94
C GLY A 113 -3.19 3.70 34.32
N VAL A 114 -2.75 4.63 33.51
CA VAL A 114 -1.53 5.42 33.77
C VAL A 114 -1.94 6.65 34.56
N THR A 115 -1.18 7.14 35.59
CA THR A 115 -1.60 8.38 36.27
C THR A 115 -0.98 9.51 35.51
N LEU A 116 -1.70 10.51 34.99
CA LEU A 116 -1.11 11.64 34.25
C LEU A 116 -0.99 12.82 35.22
N PHE A 117 0.09 13.57 35.14
CA PHE A 117 0.31 14.74 35.95
C PHE A 117 0.61 15.80 34.93
N GLU A 118 -0.32 16.76 34.93
CA GLU A 118 -0.29 17.90 34.05
C GLU A 118 0.59 18.98 34.72
N GLY A 119 1.82 19.10 34.23
CA GLY A 119 2.79 20.04 34.73
C GLY A 119 4.14 19.83 34.05
N HIS A 120 5.13 20.56 34.50
CA HIS A 120 6.47 20.37 33.95
C HIS A 120 7.15 19.37 34.92
N GLY A 121 7.97 18.44 34.45
CA GLY A 121 8.60 17.46 35.33
C GLY A 121 10.09 17.72 35.37
N LYS A 122 10.68 17.86 36.55
CA LYS A 122 12.12 17.98 36.62
C LYS A 122 12.71 16.83 37.44
N LEU A 123 13.70 16.19 36.85
CA LEU A 123 14.40 15.19 37.59
C LEU A 123 15.35 15.84 38.57
N LEU A 124 15.19 15.41 39.79
CA LEU A 124 15.99 15.86 40.90
C LEU A 124 17.00 14.73 41.11
N ALA A 125 18.06 15.06 41.87
CA ALA A 125 19.07 14.08 42.25
C ALA A 125 18.38 13.03 43.13
N GLY A 126 18.80 11.78 42.92
CA GLY A 126 18.27 10.66 43.67
C GLY A 126 16.88 10.26 43.19
N LYS A 127 16.72 10.02 41.86
CA LYS A 127 15.50 9.50 41.21
C LYS A 127 14.14 10.12 41.41
N LYS A 128 13.97 11.10 42.30
CA LYS A 128 12.70 11.74 42.60
C LYS A 128 12.34 12.79 41.56
N VAL A 129 11.09 12.85 41.14
CA VAL A 129 10.75 13.84 40.14
C VAL A 129 9.80 14.88 40.75
N GLU A 130 10.02 16.15 40.43
CA GLU A 130 9.12 17.21 40.83
C GLU A 130 8.29 17.60 39.63
N VAL A 131 7.02 17.89 39.90
CA VAL A 131 6.06 18.36 38.92
C VAL A 131 5.50 19.69 39.44
N THR A 132 5.60 20.71 38.58
CA THR A 132 4.99 21.98 38.88
C THR A 132 3.67 22.12 38.12
N ALA A 133 2.60 22.28 38.89
CA ALA A 133 1.28 22.49 38.30
C ALA A 133 1.25 23.92 37.84
N ALA A 134 0.16 24.17 37.13
CA ALA A 134 -0.13 25.42 36.46
C ALA A 134 0.28 26.68 37.21
N ASP A 135 0.16 26.67 38.55
CA ASP A 135 0.41 27.84 39.35
C ASP A 135 1.59 27.83 40.30
N GLY A 136 2.57 26.94 40.20
CA GLY A 136 3.71 26.99 41.08
C GLY A 136 3.60 26.00 42.21
N SER A 137 2.57 25.13 42.20
CA SER A 137 2.34 24.15 43.26
C SER A 137 3.38 23.13 42.92
N SER A 138 4.27 22.83 43.82
CA SER A 138 5.28 21.85 43.58
C SER A 138 4.85 20.50 44.14
N GLN A 139 5.41 19.40 43.64
CA GLN A 139 5.16 18.06 44.12
C GLN A 139 6.39 17.17 43.88
N VAL A 140 6.89 16.40 44.81
CA VAL A 140 7.96 15.52 44.45
C VAL A 140 7.37 14.10 44.50
N LEU A 141 7.54 13.26 43.46
CA LEU A 141 7.06 11.88 43.39
C LEU A 141 8.28 10.98 43.44
N ASP A 142 7.98 9.87 44.09
CA ASP A 142 8.95 8.82 44.30
C ASP A 142 8.65 7.64 43.33
N THR A 143 9.75 7.03 42.84
CA THR A 143 9.72 5.96 41.85
C THR A 143 10.99 5.12 41.98
N GLU A 144 11.11 3.92 41.40
CA GLU A 144 12.39 3.18 41.35
C GLU A 144 13.02 3.27 39.95
N ASN A 145 12.24 3.74 38.98
CA ASN A 145 12.70 4.02 37.62
C ASN A 145 12.09 5.31 37.01
N VAL A 146 12.84 5.91 36.03
CA VAL A 146 12.51 7.14 35.32
C VAL A 146 12.79 6.94 33.83
N ILE A 147 11.91 7.40 32.91
CA ILE A 147 12.11 7.42 31.45
C ILE A 147 11.93 8.90 31.03
N LEU A 148 13.00 9.56 30.57
CA LEU A 148 12.88 10.92 30.13
C LEU A 148 12.61 10.84 28.65
N ALA A 149 11.44 11.30 28.19
CA ALA A 149 11.16 11.36 26.76
C ALA A 149 10.67 12.77 26.44
N SER A 150 11.47 13.79 26.82
CA SER A 150 11.12 15.19 26.60
C SER A 150 11.16 15.73 25.14
N GLY A 151 11.90 15.23 24.16
CA GLY A 151 11.75 15.74 22.81
C GLY A 151 12.85 16.53 22.10
N SER A 152 12.31 17.22 21.10
CA SER A 152 13.02 17.97 20.11
C SER A 152 12.18 19.22 19.97
N LYS A 153 12.83 20.23 19.36
CA LYS A 153 12.22 21.52 18.97
C LYS A 153 12.88 22.07 17.71
N PRO A 154 12.48 23.16 16.98
CA PRO A 154 13.18 23.52 15.76
C PRO A 154 14.54 24.20 15.99
N VAL A 155 15.44 24.14 15.02
CA VAL A 155 16.70 24.82 15.11
C VAL A 155 16.35 26.18 14.55
N GLU A 156 16.52 27.18 15.41
CA GLU A 156 16.36 28.57 15.04
C GLU A 156 17.72 29.11 14.53
N ILE A 157 17.76 29.94 13.47
CA ILE A 157 19.03 30.37 12.87
C ILE A 157 19.10 31.88 12.93
N PRO A 158 20.25 32.46 13.23
CA PRO A 158 20.43 33.91 13.31
C PRO A 158 20.18 34.79 12.08
N PRO A 159 20.45 34.47 10.79
CA PRO A 159 20.10 35.28 9.66
C PRO A 159 18.61 35.56 9.65
N ALA A 160 17.73 34.77 10.31
CA ALA A 160 16.32 34.86 10.02
C ALA A 160 15.34 34.41 11.08
N PRO A 161 15.10 35.12 12.17
CA PRO A 161 14.34 34.60 13.27
C PRO A 161 12.84 34.66 13.13
N VAL A 162 12.29 33.57 13.66
CA VAL A 162 10.90 33.29 13.64
C VAL A 162 10.17 34.34 14.44
N ASP A 163 8.97 34.65 13.95
CA ASP A 163 8.00 35.56 14.56
C ASP A 163 6.58 35.07 14.31
N GLN A 164 6.44 33.85 13.78
CA GLN A 164 5.22 33.14 13.43
C GLN A 164 4.18 33.87 12.60
N ASP A 165 4.65 34.93 11.97
CA ASP A 165 3.80 35.65 11.07
C ASP A 165 4.49 35.57 9.74
N VAL A 166 5.53 36.38 9.54
CA VAL A 166 6.21 36.45 8.28
C VAL A 166 7.28 35.39 8.26
N ILE A 167 8.11 35.21 9.30
CA ILE A 167 9.12 34.15 9.28
C ILE A 167 8.56 33.09 10.22
N VAL A 168 8.51 31.82 9.82
CA VAL A 168 7.87 30.77 10.64
C VAL A 168 8.69 29.47 10.52
N ASP A 169 8.45 28.61 11.48
CA ASP A 169 8.94 27.25 11.48
C ASP A 169 7.81 26.32 11.07
N SER A 170 8.08 25.02 11.08
CA SER A 170 7.14 24.07 10.58
C SER A 170 5.82 24.08 11.32
N THR A 171 5.74 24.47 12.58
CA THR A 171 4.45 24.56 13.29
C THR A 171 3.50 25.60 12.71
N GLY A 172 4.11 26.72 12.29
CA GLY A 172 3.38 27.89 11.75
C GLY A 172 2.96 27.68 10.28
N ALA A 173 3.86 27.07 9.53
CA ALA A 173 3.59 26.65 8.16
C ALA A 173 2.41 25.66 8.09
N LEU A 174 2.11 25.00 9.24
CA LEU A 174 1.02 24.05 9.34
C LEU A 174 -0.32 24.71 9.64
N ASP A 175 -0.30 26.03 9.85
CA ASP A 175 -1.47 26.75 10.27
C ASP A 175 -1.71 28.04 9.48
N PHE A 176 -1.16 28.13 8.29
CA PHE A 176 -1.43 29.31 7.45
C PHE A 176 -2.92 29.27 7.04
N GLN A 177 -3.52 30.45 6.95
CA GLN A 177 -4.95 30.57 6.61
C GLN A 177 -5.16 30.91 5.16
N ASN A 178 -4.12 31.08 4.33
CA ASN A 178 -4.18 31.53 2.94
C ASN A 178 -2.96 30.98 2.23
N VAL A 179 -2.90 31.02 0.89
CA VAL A 179 -1.75 30.42 0.19
C VAL A 179 -0.75 31.54 -0.09
N PRO A 180 0.48 31.55 0.42
CA PRO A 180 1.43 32.59 0.05
C PRO A 180 1.64 32.44 -1.46
N GLY A 181 1.70 33.56 -2.17
CA GLY A 181 2.00 33.42 -3.58
C GLY A 181 3.47 33.12 -3.87
N LYS A 182 4.37 33.29 -2.90
CA LYS A 182 5.78 33.04 -3.10
C LYS A 182 6.26 32.61 -1.73
N LEU A 183 6.94 31.49 -1.65
CA LEU A 183 7.37 30.91 -0.39
C LEU A 183 8.78 30.42 -0.58
N GLY A 184 9.53 30.61 0.51
CA GLY A 184 10.94 30.28 0.67
C GLY A 184 10.96 29.22 1.74
N VAL A 185 11.87 28.24 1.67
CA VAL A 185 11.90 27.15 2.64
C VAL A 185 13.38 27.06 2.88
N ILE A 186 13.88 27.19 4.10
CA ILE A 186 15.29 26.97 4.25
C ILE A 186 15.36 25.60 4.91
N GLY A 187 15.95 24.75 4.10
CA GLY A 187 16.17 23.37 4.41
C GLY A 187 15.40 22.55 3.40
N ALA A 188 16.10 21.64 2.69
CA ALA A 188 15.51 20.71 1.69
C ALA A 188 15.54 19.27 2.24
N GLY A 189 15.11 19.10 3.50
CA GLY A 189 15.04 17.77 4.04
C GLY A 189 13.57 17.44 4.11
N VAL A 190 13.27 16.24 4.59
CA VAL A 190 11.94 15.65 4.86
C VAL A 190 10.95 16.80 5.16
N ILE A 191 10.99 17.39 6.36
CA ILE A 191 10.13 18.54 6.74
C ILE A 191 10.03 19.63 5.68
N GLY A 192 11.17 20.10 5.22
CA GLY A 192 11.22 21.15 4.25
C GLY A 192 10.43 20.84 3.00
N LEU A 193 10.59 19.71 2.35
CA LEU A 193 9.99 19.48 1.07
C LEU A 193 8.54 19.02 1.26
N GLU A 194 8.17 18.38 2.36
CA GLU A 194 6.77 18.05 2.57
C GLU A 194 5.97 19.34 2.77
N LEU A 195 6.42 20.36 3.56
CA LEU A 195 5.62 21.57 3.73
C LEU A 195 5.66 22.45 2.47
N GLY A 196 6.75 22.43 1.70
CA GLY A 196 6.86 23.13 0.43
C GLY A 196 5.92 22.49 -0.63
N SER A 197 5.90 21.14 -0.76
CA SER A 197 4.98 20.39 -1.62
C SER A 197 3.54 20.72 -1.25
N VAL A 198 3.17 20.87 0.00
CA VAL A 198 1.79 21.15 0.45
C VAL A 198 1.20 22.43 -0.21
N TRP A 199 1.94 23.55 -0.02
CA TRP A 199 1.61 24.86 -0.50
C TRP A 199 1.98 25.03 -1.96
N ALA A 200 3.00 24.40 -2.52
CA ALA A 200 3.22 24.48 -3.95
C ALA A 200 2.01 24.01 -4.79
N ARG A 201 1.42 22.88 -4.36
CA ARG A 201 0.31 22.19 -5.02
C ARG A 201 -1.00 22.98 -5.06
N LEU A 202 -1.10 23.81 -4.02
CA LEU A 202 -2.19 24.69 -3.70
C LEU A 202 -1.87 26.01 -4.38
N GLY A 203 -0.66 26.24 -4.89
CA GLY A 203 -0.39 27.41 -5.72
C GLY A 203 0.87 28.27 -5.44
N ALA A 204 1.55 28.09 -4.31
CA ALA A 204 2.67 28.95 -3.94
C ALA A 204 3.83 28.69 -4.86
N GLU A 205 4.46 29.74 -5.43
CA GLU A 205 5.71 29.55 -6.19
C GLU A 205 6.72 29.41 -5.07
N VAL A 206 7.33 28.20 -4.97
CA VAL A 206 8.25 27.91 -3.85
C VAL A 206 9.73 27.66 -4.22
N THR A 207 10.60 28.16 -3.35
CA THR A 207 12.04 28.08 -3.54
C THR A 207 12.54 27.45 -2.24
N VAL A 208 13.44 26.49 -2.31
CA VAL A 208 13.95 25.72 -1.16
C VAL A 208 15.44 26.03 -1.16
N LEU A 209 15.93 26.69 -0.12
CA LEU A 209 17.32 27.10 -0.14
C LEU A 209 18.11 26.26 0.82
N GLU A 210 19.02 25.47 0.24
CA GLU A 210 19.79 24.47 0.95
C GLU A 210 21.31 24.67 1.05
N ALA A 211 21.81 24.76 2.28
CA ALA A 211 23.20 24.98 2.60
C ALA A 211 24.17 23.96 2.08
N MET A 212 23.76 22.70 1.92
CA MET A 212 24.65 21.66 1.40
C MET A 212 24.36 21.58 -0.06
N ASP A 213 25.17 20.90 -0.84
CA ASP A 213 24.88 20.83 -2.28
C ASP A 213 24.63 19.42 -2.75
N LYS A 214 24.24 18.67 -1.74
CA LYS A 214 24.04 17.25 -1.83
C LYS A 214 22.59 17.12 -1.50
N PHE A 215 21.72 16.79 -2.46
CA PHE A 215 20.31 16.57 -2.17
C PHE A 215 20.09 15.11 -1.66
N LEU A 216 19.46 15.20 -0.48
CA LEU A 216 19.01 14.08 0.32
C LEU A 216 20.07 13.02 0.52
N PRO A 217 21.06 13.35 1.35
CA PRO A 217 22.23 12.51 1.53
C PRO A 217 21.94 11.10 2.01
N ALA A 218 21.08 10.96 3.02
CA ALA A 218 20.82 9.67 3.66
C ALA A 218 19.89 8.77 2.87
N VAL A 219 19.46 9.21 1.70
CA VAL A 219 18.54 8.50 0.82
C VAL A 219 19.43 7.91 -0.31
N ASP A 220 19.07 6.72 -0.81
CA ASP A 220 19.79 6.17 -1.94
C ASP A 220 19.88 7.16 -3.12
N GLU A 221 21.12 7.38 -3.53
CA GLU A 221 21.40 8.27 -4.62
C GLU A 221 20.52 8.07 -5.88
N GLN A 222 20.28 6.88 -6.44
CA GLN A 222 19.46 6.71 -7.62
C GLN A 222 18.09 7.32 -7.40
N VAL A 223 17.54 6.94 -6.23
CA VAL A 223 16.30 7.52 -5.77
C VAL A 223 16.44 9.01 -5.53
N ALA A 224 17.44 9.60 -4.83
CA ALA A 224 17.49 11.06 -4.53
C ALA A 224 17.50 11.88 -5.81
N LYS A 225 18.33 11.48 -6.78
CA LYS A 225 18.34 12.06 -8.09
C LYS A 225 16.96 12.05 -8.76
N GLU A 226 16.32 10.88 -8.74
CA GLU A 226 15.05 10.74 -9.43
C GLU A 226 14.07 11.73 -8.80
N ALA A 227 14.09 11.73 -7.46
CA ALA A 227 13.27 12.56 -6.61
C ALA A 227 13.50 14.02 -6.93
N GLN A 228 14.72 14.44 -7.18
CA GLN A 228 15.01 15.83 -7.43
C GLN A 228 14.39 16.24 -8.74
N LYS A 229 14.38 15.36 -9.74
CA LYS A 229 13.78 15.71 -11.02
C LYS A 229 12.24 15.84 -10.92
N ILE A 230 11.61 14.81 -10.41
CA ILE A 230 10.16 14.75 -10.30
C ILE A 230 9.71 15.91 -9.42
N LEU A 231 10.47 16.30 -8.39
CA LEU A 231 10.05 17.40 -7.52
C LEU A 231 10.32 18.72 -8.17
N THR A 232 11.34 18.83 -9.00
CA THR A 232 11.56 20.07 -9.69
C THR A 232 10.46 20.17 -10.72
N LYS A 233 10.00 19.08 -11.35
CA LYS A 233 8.89 19.19 -12.30
C LYS A 233 7.56 19.66 -11.69
N GLN A 234 7.28 19.54 -10.38
CA GLN A 234 6.04 20.05 -9.77
C GLN A 234 6.17 21.50 -9.29
N GLY A 235 7.30 22.10 -9.64
CA GLY A 235 7.44 23.51 -9.40
C GLY A 235 8.25 23.84 -8.17
N LEU A 236 8.88 22.88 -7.47
CA LEU A 236 9.67 23.27 -6.35
C LEU A 236 10.97 23.77 -6.94
N LYS A 237 11.50 24.94 -6.63
CA LYS A 237 12.78 25.29 -7.22
C LYS A 237 13.71 25.29 -6.06
N ILE A 238 14.40 24.17 -6.03
CA ILE A 238 15.44 23.82 -5.06
C ILE A 238 16.84 24.26 -5.54
N LEU A 239 17.38 25.21 -4.73
CA LEU A 239 18.69 25.82 -4.86
C LEU A 239 19.65 25.20 -3.86
N LEU A 240 20.58 24.41 -4.35
CA LEU A 240 21.50 23.76 -3.45
C LEU A 240 22.79 24.58 -3.38
N GLY A 241 23.38 24.55 -2.18
CA GLY A 241 24.58 25.29 -1.87
C GLY A 241 24.36 26.76 -1.48
N ALA A 242 23.09 27.09 -1.22
CA ALA A 242 22.71 28.43 -0.89
C ALA A 242 22.82 28.66 0.63
N ARG A 243 23.61 29.59 1.14
CA ARG A 243 23.65 29.95 2.54
C ARG A 243 22.84 31.23 2.64
N VAL A 244 21.98 31.45 3.65
CA VAL A 244 21.29 32.72 3.75
C VAL A 244 22.05 33.51 4.79
N THR A 245 22.37 34.67 4.22
CA THR A 245 23.07 35.73 4.92
C THR A 245 22.20 36.68 5.76
N GLY A 246 21.01 37.13 5.33
CA GLY A 246 20.28 38.08 6.14
C GLY A 246 18.85 38.11 5.69
N THR A 247 18.04 38.76 6.52
CA THR A 247 16.60 38.78 6.38
C THR A 247 16.05 40.20 6.56
N GLU A 248 15.18 40.67 5.67
CA GLU A 248 14.57 41.94 5.89
C GLU A 248 13.07 41.67 5.93
N VAL A 249 12.53 41.74 7.14
CA VAL A 249 11.10 41.64 7.28
C VAL A 249 10.79 43.12 7.23
N LYS A 250 9.93 43.35 6.26
CA LYS A 250 9.50 44.66 5.98
C LYS A 250 8.15 44.89 6.63
N ASN A 251 7.09 44.37 6.03
CA ASN A 251 5.70 44.67 6.43
C ASN A 251 4.80 43.87 5.51
N LYS A 252 5.33 43.69 4.31
CA LYS A 252 4.73 42.82 3.34
C LYS A 252 5.41 41.44 3.30
N GLN A 253 6.66 41.50 2.87
CA GLN A 253 7.43 40.34 2.51
C GLN A 253 8.73 40.24 3.31
N VAL A 254 9.44 39.14 3.03
CA VAL A 254 10.74 38.81 3.63
C VAL A 254 11.70 38.87 2.45
N THR A 255 12.59 39.83 2.45
CA THR A 255 13.59 39.92 1.42
C THR A 255 14.67 39.07 2.04
N VAL A 256 15.18 38.05 1.37
CA VAL A 256 16.22 37.18 1.92
C VAL A 256 17.45 37.23 1.03
N LYS A 257 18.62 37.54 1.63
CA LYS A 257 19.89 37.53 0.91
C LYS A 257 20.51 36.18 1.01
N PHE A 258 21.38 35.80 0.11
CA PHE A 258 22.04 34.53 0.20
C PHE A 258 23.15 34.47 -0.80
N VAL A 259 24.03 33.51 -0.55
CA VAL A 259 25.25 33.33 -1.32
C VAL A 259 25.18 31.87 -1.68
N ASP A 260 25.40 31.66 -2.96
CA ASP A 260 25.32 30.35 -3.56
C ASP A 260 26.31 30.42 -4.73
N ALA A 261 27.61 30.33 -4.45
CA ALA A 261 28.71 30.66 -5.38
C ALA A 261 28.75 32.13 -5.78
N GLU A 262 27.60 32.82 -5.91
CA GLU A 262 27.47 34.24 -6.18
C GLU A 262 26.56 34.75 -5.06
N GLY A 263 26.81 35.92 -4.50
CA GLY A 263 25.97 36.46 -3.43
C GLY A 263 24.73 37.21 -3.96
N GLU A 264 23.56 36.58 -3.97
CA GLU A 264 22.38 37.22 -4.48
C GLU A 264 21.23 37.16 -3.49
N LYS A 265 20.13 37.86 -3.76
CA LYS A 265 18.97 37.86 -2.92
C LYS A 265 17.76 37.67 -3.81
N SER A 266 16.97 36.63 -3.47
CA SER A 266 15.76 36.24 -4.24
C SER A 266 14.64 36.95 -3.55
N GLN A 267 13.87 37.42 -4.50
CA GLN A 267 12.81 38.28 -4.14
C GLN A 267 11.78 37.73 -3.18
N ALA A 268 11.99 38.56 -2.17
CA ALA A 268 10.99 38.87 -1.20
C ALA A 268 9.78 37.91 -1.22
N PHE A 269 9.95 36.84 -0.49
CA PHE A 269 8.90 35.88 -0.45
C PHE A 269 7.81 36.47 0.39
N ASP A 270 6.58 35.97 0.32
CA ASP A 270 5.55 36.41 1.25
C ASP A 270 5.68 35.73 2.61
N LYS A 271 6.46 34.66 2.73
CA LYS A 271 6.52 33.89 3.97
C LYS A 271 7.79 33.08 3.90
N LEU A 272 8.44 32.84 5.02
CA LEU A 272 9.65 32.06 4.97
C LEU A 272 9.50 30.89 5.96
N ILE A 273 9.68 29.65 5.53
CA ILE A 273 9.66 28.57 6.50
C ILE A 273 11.15 28.24 6.85
N VAL A 274 11.50 28.17 8.14
CA VAL A 274 12.88 27.93 8.60
C VAL A 274 12.77 26.50 9.02
N ALA A 275 13.34 25.61 8.24
CA ALA A 275 13.15 24.16 8.44
C ALA A 275 14.56 23.53 8.42
N VAL A 276 15.47 23.92 9.33
CA VAL A 276 16.82 23.47 9.06
C VAL A 276 17.12 22.19 9.77
N GLY A 277 16.57 21.98 10.96
CA GLY A 277 16.78 20.78 11.76
C GLY A 277 15.88 20.88 12.97
N ARG A 278 15.97 19.85 13.78
CA ARG A 278 15.28 19.86 15.05
C ARG A 278 16.37 19.47 16.02
N ARG A 279 16.35 20.04 17.24
CA ARG A 279 17.43 19.84 18.25
C ARG A 279 16.81 19.14 19.46
N PRO A 280 17.46 18.38 20.36
CA PRO A 280 16.88 17.90 21.62
C PRO A 280 16.62 18.98 22.69
N VAL A 281 15.59 18.71 23.45
CA VAL A 281 15.06 19.53 24.51
C VAL A 281 15.44 18.93 25.87
N THR A 282 16.18 19.66 26.68
CA THR A 282 16.64 19.23 28.01
C THR A 282 16.43 20.29 29.13
N THR A 283 15.86 21.40 28.68
CA THR A 283 15.72 22.64 29.38
C THR A 283 15.79 22.72 30.91
N ASP A 284 14.72 22.25 31.58
CA ASP A 284 14.74 22.24 33.02
C ASP A 284 14.41 20.80 33.46
N LEU A 285 15.34 19.85 33.26
CA LEU A 285 15.18 18.46 33.70
C LEU A 285 16.43 18.05 34.50
N LEU A 286 17.29 18.92 35.04
CA LEU A 286 18.54 18.47 35.67
C LEU A 286 18.75 18.80 37.14
N ALA A 287 17.76 19.42 37.74
CA ALA A 287 17.92 19.98 39.07
C ALA A 287 19.18 20.91 39.21
N ALA A 288 20.37 20.32 39.39
CA ALA A 288 21.68 21.00 39.51
C ALA A 288 22.58 19.93 38.97
N ASP A 289 22.37 18.79 39.61
CA ASP A 289 22.73 17.56 39.01
C ASP A 289 21.85 16.46 39.59
N SER A 290 21.16 15.98 38.57
CA SER A 290 20.30 14.81 38.57
C SER A 290 21.21 13.58 38.57
N GLY A 291 22.31 13.76 37.81
CA GLY A 291 23.36 12.78 37.63
C GLY A 291 23.47 12.35 36.18
N VAL A 292 22.52 12.82 35.36
CA VAL A 292 22.46 12.38 33.99
C VAL A 292 23.43 13.12 33.13
N THR A 293 24.20 12.47 32.29
CA THR A 293 25.14 13.17 31.44
C THR A 293 24.48 13.63 30.13
N LEU A 294 24.81 14.85 29.76
CA LEU A 294 24.47 15.34 28.46
C LEU A 294 25.73 15.20 27.64
N ASP A 295 25.35 15.03 26.42
CA ASP A 295 26.23 14.77 25.33
C ASP A 295 26.63 16.14 24.82
N GLU A 296 27.74 16.10 24.09
CA GLU A 296 28.35 17.27 23.47
C GLU A 296 27.47 18.02 22.43
N ARG A 297 26.54 17.33 21.73
CA ARG A 297 25.65 17.97 20.78
C ARG A 297 24.36 18.43 21.43
N GLY A 298 24.07 18.03 22.67
CA GLY A 298 22.84 18.44 23.30
C GLY A 298 22.01 17.27 23.81
N PHE A 299 22.27 16.07 23.31
CA PHE A 299 21.52 14.89 23.67
C PHE A 299 21.85 14.49 25.06
N ILE A 300 21.12 13.48 25.46
CA ILE A 300 21.43 12.79 26.69
C ILE A 300 22.18 11.54 26.26
N TYR A 301 23.21 11.23 27.07
CA TYR A 301 24.00 10.04 26.84
C TYR A 301 23.32 8.85 27.49
N VAL A 302 23.15 7.86 26.61
CA VAL A 302 22.57 6.55 26.90
C VAL A 302 23.37 5.53 26.13
N ASP A 303 23.30 4.29 26.59
CA ASP A 303 23.96 3.19 25.90
C ASP A 303 23.05 2.61 24.82
N ASP A 304 23.49 1.44 24.35
CA ASP A 304 22.75 0.75 23.31
C ASP A 304 21.37 0.37 23.80
N TYR A 305 21.12 0.29 25.09
CA TYR A 305 19.79 -0.04 25.57
C TYR A 305 19.06 1.19 26.11
N CYS A 306 19.43 2.46 25.78
CA CYS A 306 18.83 3.65 26.35
C CYS A 306 18.92 3.88 27.89
N ALA A 307 19.85 3.16 28.54
CA ALA A 307 20.20 3.38 29.92
C ALA A 307 21.21 4.54 30.04
N THR A 308 20.97 5.46 30.96
CA THR A 308 21.95 6.51 31.20
C THR A 308 22.97 6.04 32.26
N SER A 309 23.71 7.06 32.68
CA SER A 309 24.64 6.98 33.77
C SER A 309 23.96 6.76 35.11
N VAL A 310 22.73 7.20 35.27
CA VAL A 310 22.02 7.06 36.50
C VAL A 310 21.19 5.80 36.42
N PRO A 311 21.51 4.76 37.23
CA PRO A 311 21.01 3.41 37.13
C PRO A 311 19.52 3.21 36.97
N GLY A 312 18.58 3.86 37.68
CA GLY A 312 17.19 3.61 37.33
C GLY A 312 16.62 4.55 36.27
N VAL A 313 17.43 5.18 35.41
CA VAL A 313 16.96 6.20 34.48
C VAL A 313 17.39 5.96 33.04
N TYR A 314 16.38 6.01 32.16
CA TYR A 314 16.50 5.75 30.74
C TYR A 314 16.10 6.99 29.94
N ALA A 315 16.50 7.16 28.67
CA ALA A 315 16.06 8.29 27.87
C ALA A 315 15.79 7.87 26.44
N ILE A 316 14.57 8.11 25.97
CA ILE A 316 14.13 7.60 24.69
C ILE A 316 13.80 8.72 23.72
N GLY A 317 13.70 8.46 22.41
CA GLY A 317 13.31 9.39 21.37
C GLY A 317 14.42 10.30 20.88
N ASP A 318 13.92 11.45 20.44
CA ASP A 318 14.70 12.54 19.87
C ASP A 318 15.56 13.23 20.92
N VAL A 319 15.38 13.06 22.22
CA VAL A 319 16.42 13.61 23.11
C VAL A 319 17.67 12.75 23.08
N VAL A 320 17.70 11.61 22.37
CA VAL A 320 18.80 10.67 22.42
C VAL A 320 19.37 10.40 21.03
N ARG A 321 20.29 9.47 20.89
CA ARG A 321 20.86 9.29 19.58
C ARG A 321 19.94 8.50 18.66
N GLY A 322 20.16 8.63 17.35
CA GLY A 322 19.37 7.91 16.37
C GLY A 322 18.54 8.85 15.47
N ALA A 323 17.86 8.19 14.51
CA ALA A 323 17.03 8.88 13.54
C ALA A 323 15.82 9.27 14.37
N MET A 324 15.57 10.56 14.32
CA MET A 324 14.55 11.25 15.01
C MET A 324 13.26 10.95 14.23
N LEU A 325 12.68 9.82 14.54
CA LEU A 325 11.46 9.39 13.88
C LEU A 325 10.54 8.93 14.97
N ALA A 326 9.23 9.04 14.78
CA ALA A 326 8.23 8.59 15.73
C ALA A 326 8.27 7.08 15.94
N HIS A 327 8.47 6.23 14.93
CA HIS A 327 8.57 4.79 15.19
C HIS A 327 9.81 4.36 15.97
N LYS A 328 10.93 5.09 15.86
CA LYS A 328 12.14 4.85 16.62
C LYS A 328 11.86 5.24 18.06
N ALA A 329 11.20 6.36 18.32
CA ALA A 329 10.86 6.74 19.69
C ALA A 329 9.97 5.69 20.35
N SER A 330 8.86 5.29 19.69
CA SER A 330 7.92 4.30 20.21
C SER A 330 8.48 2.98 20.63
N GLU A 331 9.30 2.44 19.73
CA GLU A 331 10.00 1.20 19.94
C GLU A 331 11.04 1.26 21.07
N GLU A 332 11.69 2.43 21.27
CA GLU A 332 12.62 2.46 22.36
C GLU A 332 11.85 2.52 23.65
N GLY A 333 10.71 3.23 23.68
CA GLY A 333 9.77 3.24 24.80
C GLY A 333 9.46 1.82 25.23
N VAL A 334 8.84 1.03 24.34
CA VAL A 334 8.47 -0.39 24.57
C VAL A 334 9.60 -1.26 25.11
N VAL A 335 10.76 -1.15 24.49
CA VAL A 335 11.97 -1.84 24.88
C VAL A 335 12.47 -1.41 26.26
N VAL A 336 12.45 -0.12 26.59
CA VAL A 336 12.85 0.27 27.90
C VAL A 336 11.85 -0.31 28.83
N ALA A 337 10.52 -0.28 28.73
CA ALA A 337 9.62 -0.88 29.73
C ALA A 337 9.73 -2.39 29.99
N GLU A 338 10.03 -3.10 28.93
CA GLU A 338 10.26 -4.52 29.03
C GLU A 338 11.54 -4.79 29.81
N ARG A 339 12.72 -4.23 29.46
CA ARG A 339 13.86 -4.53 30.31
C ARG A 339 13.72 -3.91 31.72
N ILE A 340 12.90 -2.90 31.93
CA ILE A 340 12.59 -2.48 33.27
C ILE A 340 11.85 -3.66 33.87
N ALA A 341 10.70 -4.15 33.39
CA ALA A 341 10.00 -5.22 34.10
C ALA A 341 10.60 -6.64 34.05
N GLY A 342 11.71 -6.90 33.33
CA GLY A 342 12.35 -8.20 33.39
C GLY A 342 13.24 -8.53 32.19
N HIS A 343 13.92 -7.53 31.68
CA HIS A 343 14.87 -7.65 30.58
C HIS A 343 14.54 -8.55 29.38
N LYS A 344 13.28 -8.82 29.05
CA LYS A 344 13.02 -9.62 27.86
C LYS A 344 12.80 -8.85 26.52
N ALA A 345 13.81 -8.07 26.06
CA ALA A 345 13.79 -7.31 24.79
C ALA A 345 15.13 -6.69 24.33
N GLN A 346 15.25 -6.41 23.04
CA GLN A 346 16.40 -5.75 22.39
C GLN A 346 15.85 -5.23 21.04
N MET A 347 16.24 -4.08 20.48
CA MET A 347 15.68 -3.66 19.19
C MET A 347 16.77 -3.53 18.14
N ASN A 348 16.36 -3.60 16.87
CA ASN A 348 17.30 -3.60 15.76
C ASN A 348 17.26 -2.21 15.20
N TYR A 349 18.38 -1.56 15.38
CA TYR A 349 18.50 -0.23 14.90
C TYR A 349 18.98 -0.26 13.46
N ASP A 350 19.12 -1.42 12.80
CA ASP A 350 19.57 -1.38 11.40
C ASP A 350 18.48 -1.46 10.34
N LEU A 351 17.23 -1.66 10.80
CA LEU A 351 16.07 -1.83 9.96
C LEU A 351 15.01 -0.90 10.60
N ILE A 352 15.03 0.39 10.34
CA ILE A 352 14.04 1.34 10.83
C ILE A 352 13.75 2.06 9.50
N PRO A 353 12.51 1.95 9.01
CA PRO A 353 12.12 2.42 7.68
C PRO A 353 12.08 3.94 7.73
N ALA A 354 12.16 4.67 6.64
CA ALA A 354 12.07 6.14 6.71
C ALA A 354 11.40 6.49 5.42
N VAL A 355 10.43 7.39 5.53
CA VAL A 355 9.59 7.74 4.42
C VAL A 355 9.39 9.24 4.32
N ILE A 356 9.38 9.77 3.10
CA ILE A 356 9.07 11.15 2.85
C ILE A 356 7.73 10.88 2.14
N TYR A 357 6.66 11.54 2.59
CA TYR A 357 5.32 11.34 2.10
C TYR A 357 5.04 12.37 0.99
N THR A 358 5.99 12.57 0.06
CA THR A 358 5.86 13.54 -1.02
C THR A 358 4.96 13.10 -2.17
N HIS A 359 5.04 13.63 -3.38
CA HIS A 359 4.08 13.32 -4.40
C HIS A 359 4.20 12.03 -5.19
N PRO A 360 5.32 11.45 -5.71
CA PRO A 360 5.70 10.09 -5.34
C PRO A 360 6.32 10.32 -3.97
N GLU A 361 5.97 9.33 -3.17
CA GLU A 361 6.40 9.06 -1.80
C GLU A 361 7.69 8.32 -1.95
N ILE A 362 8.53 8.46 -0.95
CA ILE A 362 9.92 8.06 -1.05
C ILE A 362 10.22 7.15 0.14
N ALA A 363 10.45 5.86 0.06
CA ALA A 363 10.85 5.14 1.28
C ALA A 363 12.08 4.28 1.03
N GLY A 364 12.75 3.89 2.14
CA GLY A 364 13.94 3.05 2.13
C GLY A 364 14.19 2.40 3.49
N VAL A 365 14.91 1.25 3.47
CA VAL A 365 15.30 0.47 4.65
C VAL A 365 16.62 -0.24 4.32
N GLY A 366 17.47 -0.53 5.29
CA GLY A 366 18.72 -1.22 5.10
C GLY A 366 19.79 -0.23 4.61
N LYS A 367 20.85 -0.72 3.99
CA LYS A 367 21.92 0.12 3.46
C LYS A 367 21.59 0.69 2.09
N THR A 368 21.91 1.97 1.95
CA THR A 368 21.88 2.72 0.72
C THR A 368 23.02 2.20 -0.20
N GLU A 369 22.99 2.34 -1.50
CA GLU A 369 23.96 1.79 -2.41
C GLU A 369 25.27 2.49 -2.28
N GLN A 370 25.30 3.81 -2.11
CA GLN A 370 26.57 4.48 -2.09
C GLN A 370 27.34 4.00 -0.87
N ALA A 371 26.70 3.75 0.28
CA ALA A 371 27.36 3.31 1.51
C ALA A 371 27.94 1.93 1.37
N LEU A 372 27.23 1.06 0.65
CA LEU A 372 27.77 -0.24 0.34
C LEU A 372 29.01 -0.13 -0.53
N LYS A 373 28.99 0.68 -1.59
CA LYS A 373 30.14 0.82 -2.45
C LYS A 373 31.28 1.47 -1.66
N ALA A 374 30.93 2.39 -0.76
CA ALA A 374 31.91 3.17 -0.02
C ALA A 374 32.66 2.26 0.93
N GLU A 375 32.00 1.26 1.49
CA GLU A 375 32.71 0.28 2.27
C GLU A 375 32.99 -1.01 1.47
N GLY A 376 33.34 -0.89 0.19
CA GLY A 376 33.78 -1.99 -0.65
C GLY A 376 32.92 -3.26 -0.87
N VAL A 377 31.68 -3.35 -0.35
CA VAL A 377 30.90 -4.56 -0.53
C VAL A 377 30.38 -4.73 -1.97
N ALA A 378 30.38 -5.99 -2.37
CA ALA A 378 29.96 -6.40 -3.69
C ALA A 378 28.46 -6.65 -3.70
N ILE A 379 27.74 -5.99 -4.59
CA ILE A 379 26.29 -6.02 -4.61
C ILE A 379 25.73 -6.20 -6.02
N ASN A 380 24.46 -6.59 -6.05
CA ASN A 380 23.73 -6.78 -7.27
C ASN A 380 22.45 -6.03 -6.97
N VAL A 381 21.98 -5.37 -8.01
CA VAL A 381 20.85 -4.50 -7.80
C VAL A 381 19.78 -4.91 -8.82
N GLY A 382 18.54 -5.08 -8.39
CA GLY A 382 17.44 -5.27 -9.36
C GLY A 382 16.62 -4.01 -9.32
N VAL A 383 16.37 -3.34 -10.44
CA VAL A 383 15.52 -2.12 -10.39
C VAL A 383 14.23 -2.26 -11.22
N PHE A 384 13.03 -1.85 -10.79
CA PHE A 384 11.84 -2.07 -11.59
C PHE A 384 11.01 -0.81 -11.52
N PRO A 385 10.65 -0.25 -12.67
CA PRO A 385 9.81 0.94 -12.82
C PRO A 385 8.30 0.71 -12.73
N PHE A 386 7.60 1.72 -12.24
CA PHE A 386 6.16 1.68 -12.11
C PHE A 386 5.58 1.93 -13.47
N ALA A 387 6.38 2.44 -14.40
CA ALA A 387 6.02 2.52 -15.79
C ALA A 387 5.69 1.14 -16.40
N ALA A 388 6.24 0.02 -15.89
CA ALA A 388 6.00 -1.30 -16.47
C ALA A 388 5.03 -2.13 -15.65
N SER A 389 4.50 -1.48 -14.62
CA SER A 389 3.55 -2.09 -13.73
C SER A 389 2.11 -1.89 -14.23
N GLY A 390 1.41 -3.01 -14.18
CA GLY A 390 0.02 -3.14 -14.64
C GLY A 390 -0.94 -2.20 -13.89
N ARG A 391 -0.81 -2.23 -12.57
CA ARG A 391 -1.66 -1.47 -11.61
C ARG A 391 -1.40 0.02 -11.69
N ALA A 392 -0.16 0.48 -11.67
CA ALA A 392 0.22 1.89 -11.76
C ALA A 392 -0.40 2.58 -12.95
N MET A 393 -0.35 1.94 -14.12
CA MET A 393 -0.96 2.32 -15.40
C MET A 393 -2.48 2.56 -15.28
N ALA A 394 -3.23 1.62 -14.70
CA ALA A 394 -4.62 1.74 -14.30
C ALA A 394 -4.81 2.86 -13.26
N ALA A 395 -3.87 3.11 -12.35
CA ALA A 395 -4.10 4.17 -11.39
C ALA A 395 -3.75 5.53 -11.94
N ASN A 396 -2.99 5.59 -13.02
CA ASN A 396 -2.45 6.81 -13.60
C ASN A 396 -1.51 7.38 -12.57
N ASP A 397 -0.58 6.53 -12.07
CA ASP A 397 0.34 6.90 -11.00
C ASP A 397 1.55 6.09 -11.33
N THR A 398 2.27 6.47 -12.38
CA THR A 398 3.34 5.59 -12.85
C THR A 398 4.78 5.97 -12.62
N ALA A 399 5.01 7.01 -11.83
CA ALA A 399 6.35 7.57 -11.77
C ALA A 399 7.16 6.81 -10.79
N GLY A 400 8.45 6.66 -11.07
CA GLY A 400 9.34 6.05 -10.12
C GLY A 400 9.64 4.59 -10.31
N PHE A 401 10.26 3.99 -9.28
CA PHE A 401 10.79 2.62 -9.31
C PHE A 401 10.96 1.95 -7.93
N VAL A 402 11.41 0.69 -7.95
CA VAL A 402 11.66 -0.18 -6.80
C VAL A 402 13.08 -0.66 -7.07
N LYS A 403 13.94 -0.63 -6.05
CA LYS A 403 15.32 -1.04 -6.16
C LYS A 403 15.67 -2.02 -5.06
N VAL A 404 16.04 -3.22 -5.40
CA VAL A 404 16.39 -4.18 -4.39
C VAL A 404 17.89 -4.38 -4.42
N ILE A 405 18.53 -4.10 -3.28
CA ILE A 405 19.97 -4.24 -3.19
C ILE A 405 20.26 -5.49 -2.34
N ALA A 406 20.93 -6.47 -2.94
CA ALA A 406 21.30 -7.71 -2.32
C ALA A 406 22.81 -7.81 -2.44
N ASP A 407 23.38 -8.53 -1.51
CA ASP A 407 24.79 -8.84 -1.38
C ASP A 407 25.10 -9.78 -2.52
N ALA A 408 26.12 -9.48 -3.36
CA ALA A 408 26.55 -10.33 -4.48
C ALA A 408 27.05 -11.76 -4.12
N LYS A 409 27.61 -11.91 -2.90
CA LYS A 409 28.09 -13.20 -2.48
C LYS A 409 27.03 -14.14 -1.91
N THR A 410 26.09 -13.67 -1.07
CA THR A 410 25.15 -14.58 -0.42
C THR A 410 23.73 -14.39 -0.90
N ASP A 411 23.54 -13.38 -1.74
CA ASP A 411 22.21 -13.02 -2.21
C ASP A 411 21.29 -12.50 -1.09
N ARG A 412 21.82 -12.14 0.06
CA ARG A 412 20.97 -11.68 1.12
C ARG A 412 20.58 -10.22 0.81
N VAL A 413 19.36 -9.74 1.15
CA VAL A 413 18.91 -8.37 0.83
C VAL A 413 19.31 -7.40 1.94
N LEU A 414 20.02 -6.39 1.45
CA LEU A 414 20.69 -5.34 2.21
C LEU A 414 19.85 -4.12 2.47
N GLY A 415 19.26 -3.61 1.40
CA GLY A 415 18.37 -2.46 1.44
C GLY A 415 17.24 -2.63 0.42
N VAL A 416 16.06 -2.11 0.70
CA VAL A 416 14.98 -2.02 -0.24
C VAL A 416 14.75 -0.52 -0.34
N HIS A 417 14.63 0.15 -1.47
CA HIS A 417 14.39 1.59 -1.51
C HIS A 417 13.39 1.89 -2.63
N VAL A 418 12.40 2.79 -2.58
CA VAL A 418 11.43 3.00 -3.66
C VAL A 418 10.92 4.45 -3.62
N ILE A 419 10.97 5.10 -4.78
CA ILE A 419 10.27 6.33 -4.97
C ILE A 419 9.04 5.87 -5.80
N GLY A 420 7.80 6.08 -5.42
CA GLY A 420 6.63 5.67 -6.22
C GLY A 420 5.35 5.52 -5.40
N PRO A 421 4.20 5.06 -5.94
CA PRO A 421 2.97 4.80 -5.18
C PRO A 421 3.08 3.81 -4.04
N SER A 422 2.58 4.11 -2.82
CA SER A 422 2.70 3.18 -1.69
C SER A 422 4.13 2.70 -1.36
N ALA A 423 5.11 3.60 -1.54
CA ALA A 423 6.51 3.35 -1.25
C ALA A 423 6.72 2.80 0.12
N ALA A 424 6.11 3.43 1.11
CA ALA A 424 6.18 3.02 2.53
C ALA A 424 5.71 1.61 2.78
N GLU A 425 4.68 1.13 2.02
CA GLU A 425 4.16 -0.19 2.24
C GLU A 425 5.02 -1.22 1.59
N LEU A 426 5.52 -0.86 0.40
CA LEU A 426 6.42 -1.73 -0.34
C LEU A 426 7.78 -1.88 0.42
N VAL A 427 8.30 -0.86 1.16
CA VAL A 427 9.52 -0.94 1.98
C VAL A 427 9.22 -1.73 3.25
N GLN A 428 7.99 -1.61 3.80
CA GLN A 428 7.68 -2.39 4.96
C GLN A 428 7.60 -3.85 4.61
N GLN A 429 7.06 -4.26 3.44
CA GLN A 429 7.10 -5.64 3.00
C GLN A 429 8.56 -6.07 2.86
N GLY A 430 9.45 -5.13 2.54
CA GLY A 430 10.88 -5.38 2.39
C GLY A 430 11.44 -5.52 3.77
N ALA A 431 11.40 -4.55 4.70
CA ALA A 431 11.74 -4.75 6.13
C ALA A 431 11.37 -6.08 6.75
N ILE A 432 10.15 -6.61 6.43
CA ILE A 432 9.65 -7.91 6.83
C ILE A 432 10.46 -9.07 6.24
N ALA A 433 10.68 -9.12 4.92
CA ALA A 433 11.59 -10.11 4.31
C ALA A 433 12.91 -10.03 5.02
N MET A 434 13.47 -8.83 5.09
CA MET A 434 14.73 -8.56 5.76
C MET A 434 14.79 -8.95 7.20
N GLU A 435 13.78 -8.74 8.01
CA GLU A 435 13.77 -9.25 9.38
C GLU A 435 14.01 -10.73 9.42
N PHE A 436 13.49 -11.53 8.47
CA PHE A 436 13.72 -12.98 8.50
C PHE A 436 15.01 -13.50 7.83
N GLY A 437 15.82 -12.72 7.09
CA GLY A 437 17.10 -13.15 6.57
C GLY A 437 17.09 -13.53 5.09
N THR A 438 16.08 -13.04 4.35
CA THR A 438 15.88 -13.27 2.91
C THR A 438 17.04 -13.02 1.98
N SER A 439 16.99 -13.81 0.89
CA SER A 439 17.83 -13.63 -0.23
C SER A 439 16.92 -13.00 -1.27
N ALA A 440 17.44 -12.30 -2.30
CA ALA A 440 16.54 -11.79 -3.38
C ALA A 440 15.72 -12.91 -4.05
N GLU A 441 16.30 -14.12 -4.06
CA GLU A 441 15.69 -15.32 -4.60
C GLU A 441 14.53 -15.85 -3.79
N ASP A 442 14.48 -15.58 -2.51
CA ASP A 442 13.32 -15.99 -1.71
C ASP A 442 12.09 -15.20 -2.06
N LEU A 443 12.24 -13.86 -2.17
CA LEU A 443 11.12 -13.00 -2.57
C LEU A 443 10.75 -13.30 -4.01
N GLY A 444 11.72 -13.55 -4.90
CA GLY A 444 11.47 -13.87 -6.30
C GLY A 444 10.62 -15.13 -6.45
N MET A 445 10.73 -16.02 -5.46
CA MET A 445 9.91 -17.21 -5.49
C MET A 445 8.51 -17.09 -4.91
N MET A 446 8.20 -15.97 -4.27
CA MET A 446 6.91 -15.80 -3.69
C MET A 446 5.87 -15.38 -4.73
N VAL A 447 4.59 -15.60 -4.40
CA VAL A 447 3.44 -15.28 -5.26
C VAL A 447 2.80 -14.00 -4.72
N PHE A 448 2.83 -13.05 -5.62
CA PHE A 448 2.42 -11.69 -5.43
C PHE A 448 1.19 -11.57 -6.22
N ALA A 449 0.14 -10.92 -5.71
CA ALA A 449 -1.09 -10.86 -6.46
C ALA A 449 -1.10 -9.96 -7.69
N HIS A 450 -1.96 -10.31 -8.65
CA HIS A 450 -2.10 -9.55 -9.88
C HIS A 450 -3.46 -8.84 -9.91
N PRO A 451 -3.61 -7.60 -10.35
CA PRO A 451 -2.52 -6.66 -10.50
C PRO A 451 -2.17 -6.04 -9.16
N ALA A 452 -0.92 -5.74 -8.87
CA ALA A 452 -0.65 -5.12 -7.57
C ALA A 452 0.62 -4.31 -7.64
N LEU A 453 0.70 -3.30 -6.78
CA LEU A 453 1.88 -2.48 -6.79
C LEU A 453 3.00 -3.32 -6.15
N SER A 454 2.64 -4.30 -5.28
CA SER A 454 3.58 -5.17 -4.57
C SER A 454 4.40 -5.97 -5.57
N GLU A 455 3.76 -6.32 -6.71
CA GLU A 455 4.45 -6.99 -7.82
C GLU A 455 5.69 -6.19 -8.23
N ALA A 456 5.78 -4.84 -8.17
CA ALA A 456 7.04 -4.16 -8.56
C ALA A 456 8.21 -4.54 -7.60
N LEU A 457 7.93 -4.90 -6.31
CA LEU A 457 8.94 -5.44 -5.49
C LEU A 457 9.41 -6.82 -5.94
N HIS A 458 8.47 -7.68 -6.42
CA HIS A 458 8.71 -9.08 -6.80
C HIS A 458 9.66 -9.18 -7.97
N GLU A 459 9.29 -8.41 -8.98
CA GLU A 459 10.07 -8.25 -10.18
C GLU A 459 11.40 -7.56 -9.95
N ALA A 460 11.57 -6.70 -8.94
CA ALA A 460 12.86 -6.09 -8.58
C ALA A 460 13.82 -7.13 -8.00
N ALA A 461 13.33 -8.01 -7.14
CA ALA A 461 14.12 -9.10 -6.59
C ALA A 461 14.58 -10.14 -7.61
N LEU A 462 13.61 -10.42 -8.49
CA LEU A 462 13.87 -11.26 -9.64
C LEU A 462 14.87 -10.64 -10.62
N ALA A 463 14.89 -9.32 -10.71
CA ALA A 463 15.84 -8.62 -11.53
C ALA A 463 17.27 -8.55 -10.94
N VAL A 464 17.44 -8.82 -9.64
CA VAL A 464 18.75 -8.86 -9.00
C VAL A 464 19.38 -10.14 -9.54
N SER A 465 18.57 -11.18 -9.71
CA SER A 465 19.02 -12.45 -10.21
C SER A 465 19.06 -12.56 -11.75
N GLY A 466 19.05 -11.45 -12.50
CA GLY A 466 19.05 -11.45 -13.94
C GLY A 466 17.76 -11.99 -14.54
N HIS A 467 16.69 -12.43 -13.87
CA HIS A 467 15.62 -13.03 -14.63
C HIS A 467 14.17 -12.71 -14.29
N ALA A 468 13.84 -11.48 -14.66
CA ALA A 468 12.53 -10.41 -14.31
C ALA A 468 11.64 -10.30 -15.56
N ILE A 469 10.41 -10.81 -15.43
CA ILE A 469 9.44 -11.01 -16.51
C ILE A 469 9.25 -9.83 -17.45
N HIS A 470 9.02 -8.66 -16.82
CA HIS A 470 8.47 -7.56 -17.57
C HIS A 470 9.38 -6.42 -17.95
N VAL A 471 10.69 -6.66 -17.84
CA VAL A 471 11.65 -5.77 -18.45
C VAL A 471 12.77 -6.46 -19.26
N ALA A 472 13.69 -7.22 -18.68
CA ALA A 472 15.04 -7.43 -19.19
C ALA A 472 15.75 -8.55 -18.37
N SER B 1 12.17 -23.92 -35.05
CA SER B 1 12.74 -24.87 -36.00
C SER B 1 11.61 -25.87 -36.23
N GLN B 2 11.86 -27.04 -36.82
CA GLN B 2 10.80 -28.00 -36.95
C GLN B 2 10.51 -28.61 -35.56
N LYS B 3 11.53 -28.54 -34.71
CA LYS B 3 11.42 -29.00 -33.34
C LYS B 3 11.47 -27.77 -32.46
N PHE B 4 10.92 -27.97 -31.29
CA PHE B 4 10.84 -26.98 -30.24
C PHE B 4 11.01 -27.77 -28.96
N ASP B 5 11.41 -27.12 -27.87
CA ASP B 5 11.46 -27.80 -26.58
C ASP B 5 10.10 -27.75 -25.93
N VAL B 6 9.51 -26.55 -26.02
CA VAL B 6 8.21 -26.31 -25.42
C VAL B 6 7.43 -25.49 -26.41
N ILE B 7 6.15 -25.83 -26.55
CA ILE B 7 5.19 -25.11 -27.39
C ILE B 7 4.10 -24.79 -26.34
N VAL B 8 3.81 -23.48 -26.22
CA VAL B 8 2.73 -23.13 -25.34
C VAL B 8 1.56 -22.65 -26.22
N ILE B 9 0.34 -23.16 -25.98
CA ILE B 9 -0.84 -22.79 -26.73
C ILE B 9 -1.67 -21.98 -25.74
N GLY B 10 -1.83 -20.73 -26.07
CA GLY B 10 -2.63 -19.82 -25.34
C GLY B 10 -1.76 -18.77 -24.70
N ALA B 11 -1.81 -17.46 -25.03
CA ALA B 11 -0.91 -16.48 -24.42
C ALA B 11 -1.46 -15.60 -23.30
N GLY B 12 -2.24 -16.19 -22.37
CA GLY B 12 -2.74 -15.43 -21.26
C GLY B 12 -1.66 -15.23 -20.20
N PRO B 13 -1.89 -14.70 -18.99
CA PRO B 13 -0.84 -14.63 -17.99
C PRO B 13 -0.17 -15.96 -17.63
N GLY B 14 -0.86 -17.09 -17.64
CA GLY B 14 -0.17 -18.34 -17.43
C GLY B 14 0.71 -18.65 -18.66
N GLY B 15 0.07 -18.57 -19.84
CA GLY B 15 0.68 -18.85 -21.13
C GLY B 15 1.84 -17.95 -21.50
N TYR B 16 1.69 -16.64 -21.61
CA TYR B 16 2.90 -15.94 -22.04
C TYR B 16 3.92 -15.94 -20.90
N VAL B 17 3.66 -16.13 -19.58
CA VAL B 17 4.73 -16.19 -18.55
C VAL B 17 5.50 -17.53 -18.67
N ALA B 18 4.75 -18.57 -18.98
CA ALA B 18 5.24 -19.91 -19.26
C ALA B 18 6.32 -19.78 -20.30
N ALA B 19 5.92 -19.14 -21.38
CA ALA B 19 6.77 -18.83 -22.51
C ALA B 19 8.04 -18.01 -22.24
N ILE B 20 7.92 -16.87 -21.54
CA ILE B 20 9.11 -16.05 -21.30
C ILE B 20 9.99 -16.89 -20.39
N LYS B 21 9.54 -17.52 -19.32
CA LYS B 21 10.44 -18.24 -18.44
C LYS B 21 11.11 -19.41 -19.15
N SER B 22 10.44 -20.16 -20.02
CA SER B 22 11.05 -21.27 -20.78
C SER B 22 12.17 -20.83 -21.74
N ALA B 23 12.02 -19.63 -22.30
CA ALA B 23 13.00 -19.06 -23.17
C ALA B 23 14.11 -18.62 -22.23
N GLN B 24 13.89 -17.89 -21.12
CA GLN B 24 14.97 -17.53 -20.17
C GLN B 24 15.84 -18.69 -19.57
N LEU B 25 15.29 -19.91 -19.61
CA LEU B 25 15.95 -21.13 -19.21
C LEU B 25 16.51 -21.77 -20.49
N GLY B 26 16.80 -21.00 -21.53
CA GLY B 26 17.40 -21.51 -22.77
C GLY B 26 16.67 -22.59 -23.53
N LEU B 27 15.34 -22.77 -23.44
CA LEU B 27 14.67 -23.74 -24.31
C LEU B 27 14.09 -23.02 -25.53
N LYS B 28 14.06 -23.61 -26.71
CA LYS B 28 13.48 -23.00 -27.90
C LYS B 28 11.98 -23.21 -27.75
N THR B 29 11.34 -22.06 -27.52
CA THR B 29 9.91 -21.94 -27.17
C THR B 29 8.94 -21.48 -28.25
N ALA B 30 7.80 -22.10 -28.53
CA ALA B 30 6.91 -21.46 -29.48
C ALA B 30 5.73 -20.94 -28.64
N LEU B 31 4.94 -19.95 -29.09
CA LEU B 31 3.71 -19.50 -28.44
C LEU B 31 2.57 -19.33 -29.46
N ILE B 32 1.49 -20.07 -29.27
CA ILE B 32 0.30 -20.06 -30.13
C ILE B 32 -0.82 -19.24 -29.43
N GLU B 33 -1.40 -18.29 -30.14
CA GLU B 33 -2.44 -17.46 -29.59
C GLU B 33 -3.26 -17.01 -30.76
N LYS B 34 -4.59 -17.07 -30.57
CA LYS B 34 -5.52 -16.79 -31.64
C LYS B 34 -6.32 -15.52 -31.46
N TYR B 35 -6.16 -14.87 -30.32
CA TYR B 35 -6.98 -13.72 -30.00
C TYR B 35 -6.44 -12.49 -30.69
N LYS B 36 -7.29 -11.83 -31.47
CA LYS B 36 -6.94 -10.59 -32.12
C LYS B 36 -7.79 -9.58 -31.36
N GLY B 37 -7.26 -8.43 -30.95
CA GLY B 37 -8.04 -7.51 -30.18
C GLY B 37 -8.71 -6.42 -30.98
N LYS B 38 -9.06 -5.40 -30.21
CA LYS B 38 -9.83 -4.25 -30.64
C LYS B 38 -9.26 -3.32 -31.71
N GLU B 39 -8.01 -3.47 -32.09
CA GLU B 39 -7.47 -2.70 -33.18
C GLU B 39 -7.10 -3.65 -34.33
N GLY B 40 -7.73 -4.83 -34.42
CA GLY B 40 -7.50 -5.76 -35.52
C GLY B 40 -6.30 -6.70 -35.41
N LYS B 41 -5.23 -6.45 -34.69
CA LYS B 41 -4.15 -7.43 -34.58
C LYS B 41 -4.22 -8.32 -33.31
N THR B 42 -3.55 -9.46 -33.29
CA THR B 42 -3.43 -10.38 -32.18
C THR B 42 -3.07 -9.68 -30.90
N ALA B 43 -3.74 -9.97 -29.80
CA ALA B 43 -3.44 -9.24 -28.61
C ALA B 43 -3.22 -10.29 -27.54
N LEU B 44 -2.00 -10.26 -26.99
CA LEU B 44 -1.50 -11.25 -26.06
C LEU B 44 -1.82 -10.87 -24.60
N GLY B 45 -1.71 -11.74 -23.58
CA GLY B 45 -2.12 -11.37 -22.22
C GLY B 45 -3.51 -11.85 -21.82
N GLY B 46 -4.34 -12.31 -22.75
CA GLY B 46 -5.56 -13.06 -22.52
C GLY B 46 -6.72 -12.23 -22.06
N THR B 47 -7.48 -12.88 -21.22
CA THR B 47 -8.64 -12.34 -20.51
C THR B 47 -8.12 -11.25 -19.58
N CYS B 48 -7.07 -11.52 -18.82
CA CYS B 48 -6.62 -10.58 -17.82
C CYS B 48 -6.25 -9.21 -18.37
N LEU B 49 -5.42 -9.20 -19.41
CA LEU B 49 -5.03 -7.95 -19.92
C LEU B 49 -6.08 -7.26 -20.79
N ASN B 50 -6.83 -8.03 -21.54
CA ASN B 50 -7.69 -7.50 -22.59
C ASN B 50 -9.10 -7.34 -22.16
N VAL B 51 -9.62 -8.17 -21.29
CA VAL B 51 -11.06 -8.04 -21.01
C VAL B 51 -11.30 -8.44 -19.56
N GLY B 52 -10.30 -8.16 -18.74
CA GLY B 52 -10.30 -8.67 -17.38
C GLY B 52 -9.79 -7.75 -16.29
N CYS B 53 -8.60 -8.14 -15.77
CA CYS B 53 -7.90 -7.52 -14.67
C CYS B 53 -7.63 -6.05 -14.93
N ILE B 54 -7.01 -5.70 -16.05
CA ILE B 54 -6.63 -4.31 -16.33
C ILE B 54 -7.84 -3.45 -16.72
N PRO B 55 -8.73 -3.85 -17.69
CA PRO B 55 -10.03 -3.24 -17.86
C PRO B 55 -10.78 -3.03 -16.55
N SER B 56 -10.99 -3.93 -15.57
CA SER B 56 -11.85 -3.55 -14.48
C SER B 56 -11.14 -2.68 -13.45
N LYS B 57 -9.85 -2.90 -13.16
CA LYS B 57 -9.09 -2.06 -12.25
C LYS B 57 -9.03 -0.65 -12.74
N ALA B 58 -8.96 -0.44 -14.06
CA ALA B 58 -8.84 0.90 -14.60
C ALA B 58 -10.11 1.65 -14.45
N LEU B 59 -11.28 1.01 -14.70
CA LEU B 59 -12.56 1.69 -14.57
C LEU B 59 -12.96 1.86 -13.14
N LEU B 60 -12.44 1.02 -12.27
CA LEU B 60 -12.68 1.18 -10.84
C LEU B 60 -11.90 2.36 -10.36
N ASP B 61 -10.73 2.63 -10.93
CA ASP B 61 -9.93 3.78 -10.50
C ASP B 61 -10.58 5.03 -11.07
N SER B 62 -11.05 5.03 -12.27
CA SER B 62 -11.71 6.21 -12.76
C SER B 62 -13.04 6.41 -12.03
N SER B 63 -13.86 5.39 -11.74
CA SER B 63 -15.14 5.69 -11.14
C SER B 63 -14.92 5.99 -9.66
N TYR B 64 -13.77 5.73 -9.03
CA TYR B 64 -13.55 6.16 -7.67
C TYR B 64 -13.24 7.66 -7.62
N LYS B 65 -12.40 8.15 -8.50
CA LYS B 65 -12.09 9.55 -8.65
C LYS B 65 -13.34 10.39 -8.70
N PHE B 66 -14.33 9.92 -9.48
CA PHE B 66 -15.60 10.57 -9.68
C PHE B 66 -16.25 10.67 -8.31
N HIS B 67 -16.52 9.51 -7.71
CA HIS B 67 -17.13 9.48 -6.41
C HIS B 67 -16.36 10.26 -5.32
N GLU B 68 -15.03 10.40 -5.28
CA GLU B 68 -14.39 11.30 -4.31
C GLU B 68 -14.71 12.79 -4.55
N ALA B 69 -14.68 13.25 -5.81
CA ALA B 69 -14.98 14.63 -6.16
C ALA B 69 -16.40 14.93 -5.78
N HIS B 70 -17.29 14.01 -6.09
CA HIS B 70 -18.68 14.01 -5.62
C HIS B 70 -18.89 13.97 -4.12
N GLU B 71 -18.50 12.98 -3.31
CA GLU B 71 -18.69 12.97 -1.86
C GLU B 71 -17.71 13.75 -0.97
N SER B 72 -16.38 13.66 -1.07
CA SER B 72 -15.60 14.25 0.04
C SER B 72 -14.62 15.36 -0.07
N PHE B 73 -14.66 15.89 -1.28
CA PHE B 73 -13.79 17.00 -1.54
C PHE B 73 -14.07 18.21 -0.72
N LYS B 74 -15.37 18.30 -0.40
CA LYS B 74 -15.92 19.34 0.42
C LYS B 74 -15.29 19.19 1.82
N LEU B 75 -15.01 17.97 2.35
CA LEU B 75 -14.47 17.86 3.68
C LEU B 75 -13.03 18.41 3.65
N HIS B 76 -12.40 18.49 2.47
CA HIS B 76 -11.05 19.06 2.31
C HIS B 76 -11.01 20.55 2.01
N GLY B 77 -12.16 21.22 1.93
CA GLY B 77 -12.28 22.60 1.51
C GLY B 77 -12.01 22.69 0.03
N ILE B 78 -12.31 21.66 -0.78
CA ILE B 78 -11.99 21.74 -2.20
C ILE B 78 -13.31 21.97 -2.89
N SER B 79 -13.43 22.95 -3.75
CA SER B 79 -14.69 23.17 -4.41
C SER B 79 -14.46 22.95 -5.87
N THR B 80 -15.41 22.32 -6.52
CA THR B 80 -15.32 21.94 -7.91
C THR B 80 -16.61 22.49 -8.50
N GLY B 81 -16.81 22.63 -9.80
CA GLY B 81 -18.12 23.01 -10.31
C GLY B 81 -19.08 21.82 -10.17
N GLU B 82 -19.96 21.58 -11.14
CA GLU B 82 -20.78 20.36 -11.08
C GLU B 82 -19.86 19.36 -11.75
N VAL B 83 -19.61 18.23 -11.14
CA VAL B 83 -18.71 17.27 -11.76
C VAL B 83 -19.52 16.26 -12.59
N ALA B 84 -19.00 15.86 -13.78
CA ALA B 84 -19.77 15.06 -14.72
C ALA B 84 -18.87 14.08 -15.44
N ILE B 85 -19.22 12.80 -15.61
CA ILE B 85 -18.34 11.95 -16.38
C ILE B 85 -18.67 11.84 -17.89
N ASP B 86 -17.60 11.72 -18.69
CA ASP B 86 -17.69 11.42 -20.09
C ASP B 86 -17.30 9.95 -20.24
N VAL B 87 -18.30 9.08 -20.21
CA VAL B 87 -18.03 7.68 -20.40
C VAL B 87 -17.30 7.33 -21.70
N PRO B 88 -17.52 7.76 -22.97
CA PRO B 88 -16.54 7.48 -24.06
C PRO B 88 -15.10 7.82 -23.69
N THR B 89 -14.76 8.88 -22.94
CA THR B 89 -13.37 9.22 -22.63
C THR B 89 -12.68 8.27 -21.65
N MET B 90 -13.47 7.91 -20.69
CA MET B 90 -13.04 6.97 -19.69
C MET B 90 -12.73 5.63 -20.35
N ILE B 91 -13.59 5.13 -21.24
CA ILE B 91 -13.36 3.85 -21.87
C ILE B 91 -12.17 4.00 -22.84
N ALA B 92 -11.97 5.14 -23.49
CA ALA B 92 -10.84 5.40 -24.37
C ALA B 92 -9.49 5.30 -23.64
N ARG B 93 -9.42 5.79 -22.40
CA ARG B 93 -8.24 5.79 -21.53
C ARG B 93 -7.94 4.33 -21.25
N LYS B 94 -8.90 3.58 -20.76
CA LYS B 94 -8.77 2.16 -20.49
C LYS B 94 -8.22 1.38 -21.66
N ASP B 95 -8.71 1.75 -22.85
CA ASP B 95 -8.34 1.09 -24.06
C ASP B 95 -6.95 1.51 -24.42
N GLN B 96 -6.58 2.74 -24.19
CA GLN B 96 -5.20 3.12 -24.40
C GLN B 96 -4.28 2.32 -23.48
N ILE B 97 -4.66 2.04 -22.20
CA ILE B 97 -3.90 1.22 -21.21
C ILE B 97 -3.71 -0.22 -21.73
N VAL B 98 -4.81 -0.95 -22.10
CA VAL B 98 -4.69 -2.27 -22.72
C VAL B 98 -3.86 -2.21 -24.01
N ARG B 99 -3.87 -1.17 -24.87
CA ARG B 99 -2.99 -0.97 -26.04
C ARG B 99 -1.49 -0.90 -25.63
N ASN B 100 -1.11 -0.07 -24.66
CA ASN B 100 0.25 0.03 -24.15
C ASN B 100 0.79 -1.31 -23.69
N LEU B 101 0.02 -1.90 -22.82
CA LEU B 101 0.30 -3.16 -22.20
C LEU B 101 0.35 -4.43 -23.08
N THR B 102 -0.60 -4.54 -24.02
CA THR B 102 -0.57 -5.56 -25.03
C THR B 102 0.74 -5.52 -25.80
N GLY B 103 1.04 -4.32 -26.26
CA GLY B 103 2.28 -3.99 -26.92
C GLY B 103 3.52 -4.34 -26.09
N GLY B 104 3.53 -4.02 -24.81
CA GLY B 104 4.60 -4.36 -23.92
C GLY B 104 4.94 -5.82 -23.93
N VAL B 105 3.91 -6.68 -23.81
CA VAL B 105 4.08 -8.12 -23.73
C VAL B 105 4.63 -8.58 -25.05
N ALA B 106 4.14 -7.98 -26.14
CA ALA B 106 4.57 -8.40 -27.45
C ALA B 106 6.05 -8.09 -27.57
N SER B 107 6.59 -6.94 -27.18
CA SER B 107 8.03 -6.70 -27.26
C SER B 107 8.77 -7.70 -26.38
N LEU B 108 8.29 -7.90 -25.17
CA LEU B 108 8.83 -8.85 -24.23
C LEU B 108 8.96 -10.21 -24.88
N ILE B 109 8.04 -10.82 -25.66
CA ILE B 109 8.38 -12.16 -26.16
C ILE B 109 9.39 -12.08 -27.33
N LYS B 110 9.43 -11.00 -28.13
CA LYS B 110 10.39 -10.81 -29.25
C LYS B 110 11.81 -10.63 -28.73
N ALA B 111 12.08 -9.66 -27.79
CA ALA B 111 13.37 -9.56 -27.06
C ALA B 111 13.90 -10.83 -26.35
N ASN B 112 12.89 -11.62 -26.00
CA ASN B 112 13.14 -12.87 -25.30
C ASN B 112 13.28 -14.01 -26.24
N GLY B 113 13.06 -13.75 -27.53
CA GLY B 113 13.25 -14.70 -28.59
C GLY B 113 12.17 -15.77 -28.70
N VAL B 114 10.96 -15.66 -28.11
CA VAL B 114 9.92 -16.69 -28.28
C VAL B 114 9.42 -16.56 -29.72
N THR B 115 8.97 -17.66 -30.35
CA THR B 115 8.38 -17.51 -31.68
C THR B 115 6.88 -17.59 -31.50
N LEU B 116 6.17 -16.61 -32.01
CA LEU B 116 4.74 -16.54 -31.78
C LEU B 116 4.09 -16.95 -33.06
N PHE B 117 3.30 -18.01 -32.97
CA PHE B 117 2.45 -18.40 -34.11
C PHE B 117 1.07 -17.75 -33.94
N GLU B 118 0.57 -17.02 -34.93
CA GLU B 118 -0.76 -16.43 -34.79
C GLU B 118 -1.79 -17.40 -35.33
N GLY B 119 -2.49 -18.20 -34.52
CA GLY B 119 -3.57 -19.02 -35.08
C GLY B 119 -4.20 -19.84 -34.01
N HIS B 120 -4.97 -20.84 -34.36
CA HIS B 120 -5.50 -21.72 -33.34
C HIS B 120 -4.55 -22.90 -33.32
N GLY B 121 -4.28 -23.44 -32.16
CA GLY B 121 -3.35 -24.56 -32.03
C GLY B 121 -4.09 -25.67 -31.33
N LYS B 122 -3.92 -26.90 -31.85
CA LYS B 122 -4.51 -28.11 -31.24
C LYS B 122 -3.50 -29.26 -31.23
N LEU B 123 -3.53 -29.96 -30.08
CA LEU B 123 -2.59 -31.00 -29.68
C LEU B 123 -2.89 -32.27 -30.45
N LEU B 124 -1.90 -32.84 -31.14
CA LEU B 124 -2.16 -34.05 -31.90
C LEU B 124 -1.48 -35.18 -31.15
N ALA B 125 -1.71 -36.48 -31.44
CA ALA B 125 -0.96 -37.56 -30.78
C ALA B 125 0.53 -37.45 -31.09
N GLY B 126 1.38 -37.69 -30.11
CA GLY B 126 2.79 -37.57 -30.39
C GLY B 126 3.27 -36.14 -30.19
N LYS B 127 2.39 -35.32 -29.60
CA LYS B 127 2.70 -33.97 -29.16
C LYS B 127 3.13 -33.04 -30.29
N LYS B 128 2.58 -33.26 -31.46
CA LYS B 128 2.77 -32.34 -32.56
C LYS B 128 1.60 -31.38 -32.32
N VAL B 129 1.71 -30.14 -32.78
CA VAL B 129 0.63 -29.19 -32.59
C VAL B 129 0.27 -28.65 -33.95
N GLU B 130 -1.00 -28.72 -34.40
CA GLU B 130 -1.47 -28.16 -35.67
C GLU B 130 -1.99 -26.74 -35.45
N VAL B 131 -1.36 -25.77 -36.13
CA VAL B 131 -1.69 -24.36 -36.10
C VAL B 131 -2.43 -23.97 -37.39
N THR B 132 -3.64 -23.52 -37.16
CA THR B 132 -4.52 -23.10 -38.22
C THR B 132 -4.63 -21.60 -38.13
N ALA B 133 -4.18 -21.01 -39.24
CA ALA B 133 -4.11 -19.57 -39.42
C ALA B 133 -5.40 -19.07 -39.98
N ALA B 134 -5.79 -17.83 -39.69
CA ALA B 134 -7.00 -17.17 -40.19
C ALA B 134 -7.71 -17.70 -41.44
N ASP B 135 -6.95 -17.87 -42.51
CA ASP B 135 -7.44 -18.35 -43.77
C ASP B 135 -7.71 -19.85 -43.84
N GLY B 136 -7.37 -20.65 -42.84
CA GLY B 136 -7.48 -22.11 -42.92
C GLY B 136 -6.13 -22.74 -43.20
N SER B 137 -4.99 -22.07 -43.06
CA SER B 137 -3.68 -22.69 -43.24
C SER B 137 -3.58 -23.66 -42.08
N SER B 138 -2.84 -24.74 -42.22
CA SER B 138 -2.68 -25.77 -41.21
C SER B 138 -1.19 -26.00 -41.30
N GLN B 139 -0.55 -26.24 -40.17
CA GLN B 139 0.89 -26.37 -40.08
C GLN B 139 1.11 -27.29 -38.87
N VAL B 140 1.86 -28.40 -38.83
CA VAL B 140 1.99 -29.08 -37.57
C VAL B 140 3.44 -28.84 -37.16
N LEU B 141 3.65 -28.74 -35.83
CA LEU B 141 4.98 -28.47 -35.25
C LEU B 141 5.43 -29.64 -34.39
N ASP B 142 6.74 -29.83 -34.23
CA ASP B 142 7.22 -30.87 -33.36
C ASP B 142 7.85 -30.17 -32.17
N THR B 143 7.69 -30.84 -31.06
CA THR B 143 8.17 -30.26 -29.87
C THR B 143 8.36 -31.45 -28.97
N GLU B 144 9.15 -31.09 -27.99
CA GLU B 144 9.51 -32.06 -27.03
C GLU B 144 8.42 -32.01 -25.95
N ASN B 145 7.86 -30.83 -25.53
CA ASN B 145 6.82 -30.70 -24.50
C ASN B 145 5.69 -29.73 -24.92
N VAL B 146 4.45 -29.86 -24.41
CA VAL B 146 3.35 -28.93 -24.69
C VAL B 146 2.80 -28.35 -23.37
N ILE B 147 2.34 -27.07 -23.38
CA ILE B 147 1.79 -26.44 -22.17
C ILE B 147 0.57 -25.73 -22.63
N LEU B 148 -0.57 -26.22 -22.16
CA LEU B 148 -1.87 -25.77 -22.56
C LEU B 148 -2.34 -24.71 -21.59
N ALA B 149 -2.44 -23.46 -22.02
CA ALA B 149 -2.90 -22.39 -21.15
C ALA B 149 -4.07 -21.74 -21.86
N SER B 150 -5.12 -22.54 -22.06
CA SER B 150 -6.19 -22.03 -22.88
C SER B 150 -7.21 -21.19 -22.17
N GLY B 151 -7.11 -21.11 -20.83
CA GLY B 151 -8.05 -20.32 -20.03
C GLY B 151 -9.54 -20.66 -19.97
N SER B 152 -10.36 -19.63 -19.65
CA SER B 152 -11.74 -19.91 -19.43
C SER B 152 -12.66 -18.87 -20.05
N LYS B 153 -13.95 -19.06 -19.88
CA LYS B 153 -14.97 -18.25 -20.48
C LYS B 153 -16.17 -17.96 -19.54
N PRO B 154 -17.05 -17.02 -19.85
CA PRO B 154 -18.30 -16.79 -19.13
C PRO B 154 -19.33 -17.93 -19.16
N VAL B 155 -19.75 -18.47 -18.01
CA VAL B 155 -20.82 -19.48 -17.84
C VAL B 155 -22.05 -18.78 -18.39
N GLU B 156 -22.89 -19.63 -18.95
CA GLU B 156 -23.97 -19.18 -19.83
C GLU B 156 -25.20 -19.78 -19.25
N ILE B 157 -26.18 -18.92 -19.03
CA ILE B 157 -27.42 -19.35 -18.39
C ILE B 157 -28.63 -19.21 -19.34
N PRO B 158 -29.48 -20.26 -19.30
CA PRO B 158 -30.71 -20.40 -20.05
C PRO B 158 -31.70 -19.26 -19.89
N PRO B 159 -32.16 -18.84 -18.66
CA PRO B 159 -33.04 -17.69 -18.45
C PRO B 159 -32.49 -16.35 -18.86
N ALA B 160 -31.18 -16.16 -19.13
CA ALA B 160 -30.71 -14.84 -19.52
C ALA B 160 -29.60 -14.94 -20.54
N PRO B 161 -29.93 -15.10 -21.83
CA PRO B 161 -28.99 -15.18 -22.94
C PRO B 161 -28.27 -13.91 -23.35
N VAL B 162 -26.94 -13.88 -23.43
CA VAL B 162 -26.27 -12.62 -23.74
C VAL B 162 -26.34 -12.40 -25.24
N ASP B 163 -26.55 -11.12 -25.54
CA ASP B 163 -26.57 -10.64 -26.92
C ASP B 163 -25.69 -9.41 -27.10
N GLN B 164 -24.89 -9.15 -26.08
CA GLN B 164 -23.94 -8.04 -26.01
C GLN B 164 -24.50 -6.65 -26.26
N ASP B 165 -25.74 -6.47 -25.81
CA ASP B 165 -26.43 -5.21 -26.03
C ASP B 165 -27.28 -4.83 -24.82
N VAL B 166 -28.47 -5.40 -24.63
CA VAL B 166 -29.24 -5.11 -23.44
C VAL B 166 -28.74 -6.11 -22.40
N ILE B 167 -28.46 -7.36 -22.75
CA ILE B 167 -27.94 -8.30 -21.77
C ILE B 167 -26.51 -8.69 -22.10
N VAL B 168 -25.61 -8.68 -21.12
CA VAL B 168 -24.18 -8.61 -21.41
C VAL B 168 -23.40 -9.55 -20.52
N ASP B 169 -22.17 -10.01 -20.86
CA ASP B 169 -21.31 -10.68 -19.88
C ASP B 169 -20.32 -9.64 -19.31
N SER B 170 -19.21 -10.06 -18.72
CA SER B 170 -18.27 -9.13 -18.18
C SER B 170 -17.61 -8.28 -19.30
N THR B 171 -17.37 -8.84 -20.47
CA THR B 171 -16.91 -7.99 -21.57
C THR B 171 -17.86 -6.88 -22.12
N GLY B 172 -19.14 -7.15 -22.18
CA GLY B 172 -20.00 -6.16 -22.76
C GLY B 172 -19.99 -4.96 -21.82
N ALA B 173 -20.19 -5.26 -20.54
CA ALA B 173 -20.15 -4.31 -19.43
C ALA B 173 -19.07 -3.20 -19.32
N LEU B 174 -17.86 -3.71 -19.46
CA LEU B 174 -16.61 -2.93 -19.50
C LEU B 174 -16.54 -1.94 -20.63
N ASP B 175 -17.32 -2.12 -21.69
CA ASP B 175 -17.33 -1.21 -22.85
C ASP B 175 -18.60 -0.37 -23.01
N PHE B 176 -19.49 -0.29 -22.02
CA PHE B 176 -20.68 0.57 -22.24
C PHE B 176 -20.23 2.03 -22.53
N GLN B 177 -21.04 2.74 -23.30
CA GLN B 177 -20.74 4.13 -23.72
C GLN B 177 -21.47 5.15 -22.90
N ASN B 178 -22.35 4.76 -21.98
CA ASN B 178 -23.07 5.71 -21.11
C ASN B 178 -23.39 4.95 -19.86
N VAL B 179 -23.62 5.60 -18.73
CA VAL B 179 -24.05 4.91 -17.49
C VAL B 179 -25.49 4.41 -17.78
N PRO B 180 -25.91 3.16 -17.59
CA PRO B 180 -27.31 2.72 -17.63
C PRO B 180 -28.22 3.17 -16.47
N GLY B 181 -29.52 3.47 -16.61
CA GLY B 181 -30.30 3.95 -15.44
C GLY B 181 -30.42 2.93 -14.28
N LYS B 182 -30.48 1.67 -14.67
CA LYS B 182 -30.81 0.56 -13.82
C LYS B 182 -30.00 -0.56 -14.42
N LEU B 183 -29.23 -1.25 -13.57
CA LEU B 183 -28.35 -2.30 -14.06
C LEU B 183 -28.57 -3.47 -13.14
N GLY B 184 -28.79 -4.67 -13.67
CA GLY B 184 -28.94 -5.83 -12.82
C GLY B 184 -27.68 -6.61 -12.98
N VAL B 185 -27.23 -7.27 -11.97
CA VAL B 185 -26.05 -8.07 -12.09
C VAL B 185 -26.48 -9.37 -11.51
N ILE B 186 -26.22 -10.39 -12.28
CA ILE B 186 -26.53 -11.70 -11.81
C ILE B 186 -25.17 -12.30 -11.46
N GLY B 187 -25.05 -12.52 -10.17
CA GLY B 187 -23.86 -13.10 -9.61
C GLY B 187 -23.23 -12.11 -8.66
N ALA B 188 -23.15 -12.48 -7.37
CA ALA B 188 -22.47 -11.64 -6.38
C ALA B 188 -21.03 -12.07 -6.02
N GLY B 189 -20.29 -12.36 -7.07
CA GLY B 189 -18.93 -12.81 -6.89
C GLY B 189 -18.06 -11.59 -7.13
N VAL B 190 -16.78 -11.91 -7.19
CA VAL B 190 -15.70 -10.96 -7.35
C VAL B 190 -15.97 -10.08 -8.59
N ILE B 191 -16.20 -10.67 -9.74
CA ILE B 191 -16.52 -9.92 -10.96
C ILE B 191 -17.84 -9.17 -10.86
N GLY B 192 -18.81 -9.74 -10.18
CA GLY B 192 -20.12 -9.12 -10.07
C GLY B 192 -20.11 -7.82 -9.33
N LEU B 193 -19.51 -7.90 -8.17
CA LEU B 193 -19.40 -6.79 -7.27
C LEU B 193 -18.46 -5.75 -7.81
N GLU B 194 -17.41 -6.05 -8.53
CA GLU B 194 -16.58 -4.97 -9.10
C GLU B 194 -17.21 -4.09 -10.13
N LEU B 195 -17.99 -4.74 -10.97
CA LEU B 195 -18.60 -4.07 -12.10
C LEU B 195 -19.80 -3.30 -11.60
N GLY B 196 -20.57 -3.94 -10.75
CA GLY B 196 -21.63 -3.33 -9.95
C GLY B 196 -21.13 -2.00 -9.33
N SER B 197 -20.04 -2.00 -8.49
CA SER B 197 -19.38 -0.78 -7.99
C SER B 197 -19.08 0.26 -9.03
N VAL B 198 -18.32 -0.05 -10.09
CA VAL B 198 -18.04 0.88 -11.20
C VAL B 198 -19.24 1.73 -11.68
N TRP B 199 -20.37 1.11 -12.01
CA TRP B 199 -21.41 1.89 -12.62
C TRP B 199 -22.32 2.52 -11.61
N ALA B 200 -22.40 1.94 -10.42
CA ALA B 200 -23.23 2.53 -9.40
C ALA B 200 -22.59 3.84 -8.94
N ARG B 201 -21.26 3.97 -8.83
CA ARG B 201 -20.54 5.18 -8.47
C ARG B 201 -20.69 6.26 -9.54
N LEU B 202 -20.87 5.89 -10.82
CA LEU B 202 -21.20 6.81 -11.90
C LEU B 202 -22.71 7.15 -11.97
N GLY B 203 -23.66 6.29 -11.64
CA GLY B 203 -25.07 6.70 -11.54
C GLY B 203 -26.12 5.62 -11.69
N ALA B 204 -25.72 4.39 -12.01
CA ALA B 204 -26.74 3.40 -12.23
C ALA B 204 -27.38 3.06 -10.89
N GLU B 205 -28.69 2.77 -10.78
CA GLU B 205 -29.21 2.06 -9.62
C GLU B 205 -28.78 0.61 -9.89
N VAL B 206 -28.18 -0.17 -8.93
CA VAL B 206 -27.73 -1.52 -9.23
C VAL B 206 -28.28 -2.61 -8.30
N THR B 207 -28.82 -3.73 -8.81
CA THR B 207 -29.28 -4.81 -7.96
C THR B 207 -28.41 -6.02 -8.33
N VAL B 208 -27.85 -6.69 -7.32
CA VAL B 208 -27.00 -7.86 -7.49
C VAL B 208 -27.74 -9.08 -6.89
N LEU B 209 -28.23 -9.93 -7.80
CA LEU B 209 -29.04 -11.07 -7.50
C LEU B 209 -28.18 -12.24 -7.17
N GLU B 210 -28.31 -12.93 -6.06
CA GLU B 210 -27.41 -14.06 -5.86
C GLU B 210 -28.12 -15.34 -5.41
N ALA B 211 -27.79 -16.50 -5.94
CA ALA B 211 -28.65 -17.63 -5.56
C ALA B 211 -28.27 -18.39 -4.30
N MET B 212 -27.05 -18.18 -3.84
CA MET B 212 -26.53 -18.95 -2.74
C MET B 212 -27.00 -18.39 -1.41
N ASP B 213 -26.98 -19.22 -0.36
CA ASP B 213 -27.28 -18.78 1.01
C ASP B 213 -26.43 -17.59 1.50
N LYS B 214 -25.16 -17.49 1.07
CA LYS B 214 -24.22 -16.60 1.70
C LYS B 214 -23.58 -15.63 0.76
N PHE B 215 -23.18 -14.58 1.48
CA PHE B 215 -22.47 -13.50 0.87
C PHE B 215 -21.02 -13.88 1.03
N LEU B 216 -20.40 -13.81 -0.14
CA LEU B 216 -18.97 -14.02 -0.31
C LEU B 216 -18.41 -15.20 0.50
N PRO B 217 -18.86 -16.45 0.25
CA PRO B 217 -18.61 -17.57 1.16
C PRO B 217 -17.20 -18.06 1.40
N ALA B 218 -16.24 -17.55 0.64
CA ALA B 218 -14.86 -17.94 0.69
C ALA B 218 -14.01 -16.87 1.36
N VAL B 219 -14.60 -15.74 1.67
CA VAL B 219 -13.92 -14.65 2.33
C VAL B 219 -14.20 -14.94 3.79
N ASP B 220 -13.30 -14.52 4.67
CA ASP B 220 -13.49 -14.64 6.08
C ASP B 220 -14.85 -14.09 6.42
N GLU B 221 -15.62 -14.83 7.24
CA GLU B 221 -16.97 -14.49 7.77
C GLU B 221 -17.14 -13.08 8.39
N GLN B 222 -16.23 -12.56 9.22
CA GLN B 222 -16.29 -11.19 9.72
C GLN B 222 -16.01 -10.15 8.64
N VAL B 223 -15.06 -10.37 7.71
CA VAL B 223 -14.67 -9.49 6.61
C VAL B 223 -15.85 -9.40 5.67
N ALA B 224 -16.49 -10.53 5.30
CA ALA B 224 -17.63 -10.46 4.40
C ALA B 224 -18.84 -9.73 4.98
N LYS B 225 -19.16 -9.83 6.26
CA LYS B 225 -20.33 -9.17 6.85
C LYS B 225 -20.10 -7.67 6.81
N GLU B 226 -18.86 -7.28 7.07
CA GLU B 226 -18.48 -5.88 7.02
C GLU B 226 -18.58 -5.34 5.62
N ALA B 227 -18.04 -6.02 4.65
CA ALA B 227 -18.20 -5.68 3.22
C ALA B 227 -19.66 -5.61 2.73
N GLN B 228 -20.54 -6.50 3.16
CA GLN B 228 -21.94 -6.49 2.73
C GLN B 228 -22.56 -5.17 3.12
N LYS B 229 -22.32 -4.82 4.38
CA LYS B 229 -22.76 -3.58 5.00
C LYS B 229 -22.27 -2.39 4.24
N ILE B 230 -20.96 -2.28 3.99
CA ILE B 230 -20.41 -1.08 3.37
C ILE B 230 -20.88 -1.06 1.92
N LEU B 231 -20.87 -2.17 1.14
CA LEU B 231 -21.24 -2.10 -0.29
C LEU B 231 -22.69 -1.67 -0.44
N THR B 232 -23.59 -2.19 0.41
CA THR B 232 -24.99 -1.73 0.50
C THR B 232 -25.08 -0.26 0.93
N LYS B 233 -24.23 0.29 1.83
CA LYS B 233 -24.28 1.69 2.14
C LYS B 233 -23.95 2.48 0.87
N GLN B 234 -23.14 1.99 -0.12
CA GLN B 234 -22.97 2.76 -1.37
C GLN B 234 -24.03 2.30 -2.40
N GLY B 235 -25.12 1.64 -1.99
CA GLY B 235 -26.23 1.37 -2.89
C GLY B 235 -26.13 0.32 -3.98
N LEU B 236 -25.43 -0.72 -3.57
CA LEU B 236 -25.48 -1.96 -4.29
C LEU B 236 -26.59 -2.64 -3.50
N LYS B 237 -27.67 -3.09 -4.14
CA LYS B 237 -28.72 -3.82 -3.45
C LYS B 237 -28.34 -5.27 -3.68
N ILE B 238 -27.98 -6.09 -2.73
CA ILE B 238 -27.56 -7.46 -2.99
C ILE B 238 -28.64 -8.36 -2.38
N LEU B 239 -29.40 -9.05 -3.24
CA LEU B 239 -30.54 -9.81 -2.81
C LEU B 239 -29.86 -11.15 -2.78
N LEU B 240 -29.81 -11.80 -1.62
CA LEU B 240 -28.99 -12.98 -1.47
C LEU B 240 -29.58 -14.35 -1.68
N GLY B 241 -30.84 -14.65 -2.00
CA GLY B 241 -31.12 -16.05 -2.32
C GLY B 241 -32.05 -16.06 -3.50
N ALA B 242 -31.72 -15.35 -4.56
CA ALA B 242 -32.66 -15.21 -5.62
C ALA B 242 -32.43 -16.19 -6.74
N ARG B 243 -33.41 -16.90 -7.21
CA ARG B 243 -33.27 -17.69 -8.41
C ARG B 243 -33.99 -16.98 -9.56
N VAL B 244 -33.35 -16.66 -10.71
CA VAL B 244 -34.01 -16.00 -11.84
C VAL B 244 -34.51 -17.09 -12.80
N THR B 245 -35.75 -16.88 -13.20
CA THR B 245 -36.49 -17.91 -13.87
C THR B 245 -36.67 -17.62 -15.32
N GLY B 246 -36.47 -16.36 -15.64
CA GLY B 246 -36.64 -15.98 -17.01
C GLY B 246 -36.47 -14.52 -17.14
N THR B 247 -36.26 -14.13 -18.40
CA THR B 247 -36.13 -12.75 -18.81
C THR B 247 -36.93 -12.50 -20.09
N GLU B 248 -37.38 -11.28 -20.23
CA GLU B 248 -38.01 -10.79 -21.43
C GLU B 248 -37.52 -9.36 -21.68
N VAL B 249 -37.28 -9.05 -22.95
CA VAL B 249 -36.88 -7.70 -23.26
C VAL B 249 -37.80 -7.16 -24.31
N LYS B 250 -38.66 -6.24 -23.94
CA LYS B 250 -39.46 -5.60 -24.96
C LYS B 250 -38.53 -4.44 -25.24
N ASN B 251 -38.18 -4.54 -26.52
CA ASN B 251 -37.25 -3.75 -27.33
C ASN B 251 -35.97 -3.16 -26.78
N LYS B 252 -35.93 -2.62 -25.56
CA LYS B 252 -34.77 -1.91 -25.09
C LYS B 252 -34.51 -1.93 -23.60
N GLN B 253 -35.24 -2.72 -22.81
CA GLN B 253 -34.95 -2.90 -21.39
C GLN B 253 -35.36 -4.32 -21.05
N VAL B 254 -34.88 -4.97 -19.98
CA VAL B 254 -35.10 -6.43 -19.78
C VAL B 254 -35.87 -6.62 -18.51
N THR B 255 -37.00 -7.32 -18.44
CA THR B 255 -37.71 -7.60 -17.20
C THR B 255 -37.33 -9.03 -16.75
N VAL B 256 -36.79 -9.17 -15.55
CA VAL B 256 -36.25 -10.42 -15.02
C VAL B 256 -37.25 -10.94 -14.04
N LYS B 257 -37.46 -12.23 -13.96
CA LYS B 257 -38.38 -12.76 -12.98
C LYS B 257 -37.54 -13.51 -11.99
N PHE B 258 -37.72 -13.40 -10.70
CA PHE B 258 -36.91 -14.15 -9.80
C PHE B 258 -37.76 -14.39 -8.61
N VAL B 259 -37.38 -15.34 -7.76
CA VAL B 259 -38.03 -15.80 -6.53
C VAL B 259 -37.10 -15.48 -5.32
N ASP B 260 -37.50 -14.68 -4.30
CA ASP B 260 -36.68 -14.31 -3.11
C ASP B 260 -37.62 -13.63 -2.10
N ALA B 261 -38.17 -14.36 -1.09
CA ALA B 261 -39.25 -13.93 -0.15
C ALA B 261 -40.59 -13.77 -0.86
N GLU B 262 -40.64 -13.66 -2.16
CA GLU B 262 -41.84 -13.58 -2.94
C GLU B 262 -41.38 -14.04 -4.31
N GLY B 263 -42.31 -14.13 -5.27
CA GLY B 263 -42.05 -14.46 -6.64
C GLY B 263 -42.03 -13.12 -7.26
N GLU B 264 -40.86 -12.46 -7.39
CA GLU B 264 -40.76 -11.07 -7.87
C GLU B 264 -40.25 -10.87 -9.30
N LYS B 265 -40.20 -9.63 -9.79
CA LYS B 265 -39.89 -9.32 -11.20
C LYS B 265 -39.33 -7.91 -11.22
N SER B 266 -38.11 -7.71 -11.68
CA SER B 266 -37.53 -6.36 -11.58
C SER B 266 -37.77 -5.61 -12.85
N GLN B 267 -38.26 -4.38 -12.61
CA GLN B 267 -38.61 -3.51 -13.71
C GLN B 267 -37.30 -3.36 -14.48
N ALA B 268 -37.76 -3.80 -15.61
CA ALA B 268 -36.93 -3.89 -16.74
C ALA B 268 -35.73 -2.96 -16.75
N PHE B 269 -34.64 -3.59 -16.23
CA PHE B 269 -33.34 -3.00 -16.19
C PHE B 269 -32.96 -2.43 -17.55
N ASP B 270 -32.09 -1.44 -17.67
CA ASP B 270 -31.64 -1.04 -19.00
C ASP B 270 -30.47 -1.91 -19.48
N LYS B 271 -29.76 -2.58 -18.57
CA LYS B 271 -28.58 -3.38 -18.86
C LYS B 271 -28.65 -4.57 -17.91
N LEU B 272 -28.23 -5.77 -18.29
CA LEU B 272 -28.17 -6.87 -17.35
C LEU B 272 -26.77 -7.46 -17.51
N ILE B 273 -25.97 -7.67 -16.45
CA ILE B 273 -24.68 -8.33 -16.66
C ILE B 273 -24.89 -9.77 -16.18
N VAL B 274 -24.32 -10.75 -16.88
CA VAL B 274 -24.48 -12.12 -16.45
C VAL B 274 -23.13 -12.61 -15.88
N ALA B 275 -23.01 -12.73 -14.57
CA ALA B 275 -21.71 -12.96 -13.90
C ALA B 275 -21.69 -14.03 -12.82
N VAL B 276 -22.29 -15.08 -13.31
CA VAL B 276 -22.57 -16.33 -12.62
C VAL B 276 -21.34 -17.29 -12.62
N GLY B 277 -20.34 -17.16 -13.51
CA GLY B 277 -19.22 -18.01 -13.39
C GLY B 277 -18.32 -17.93 -14.59
N ARG B 278 -17.17 -18.58 -14.50
CA ARG B 278 -16.28 -18.68 -15.64
C ARG B 278 -16.16 -20.16 -15.81
N ARG B 279 -15.77 -20.72 -16.92
CA ARG B 279 -15.60 -22.17 -17.03
C ARG B 279 -14.55 -22.54 -18.05
N PRO B 280 -13.87 -23.70 -18.09
CA PRO B 280 -12.70 -23.93 -18.94
C PRO B 280 -12.98 -24.14 -20.43
N VAL B 281 -12.18 -23.50 -21.29
CA VAL B 281 -12.31 -23.71 -22.72
C VAL B 281 -11.39 -24.86 -23.16
N THR B 282 -12.07 -25.84 -23.74
CA THR B 282 -11.43 -27.03 -24.35
C THR B 282 -11.80 -27.16 -25.85
N THR B 283 -12.32 -26.06 -26.40
CA THR B 283 -12.72 -25.94 -27.78
C THR B 283 -11.61 -26.05 -28.82
N ASP B 284 -11.64 -27.26 -29.36
CA ASP B 284 -10.84 -27.69 -30.47
C ASP B 284 -9.38 -27.67 -30.02
N LEU B 285 -9.14 -27.95 -28.75
CA LEU B 285 -7.78 -27.92 -28.25
C LEU B 285 -6.99 -29.21 -28.44
N LEU B 286 -7.71 -30.31 -28.62
CA LEU B 286 -7.11 -31.62 -28.60
C LEU B 286 -7.80 -32.37 -29.71
N ALA B 287 -7.12 -33.40 -30.19
CA ALA B 287 -7.62 -34.37 -31.16
C ALA B 287 -8.31 -35.48 -30.36
N ALA B 288 -9.03 -36.54 -30.74
CA ALA B 288 -9.23 -37.68 -29.84
C ALA B 288 -7.78 -38.17 -29.65
N ASP B 289 -7.34 -37.47 -28.61
CA ASP B 289 -6.02 -37.08 -28.18
C ASP B 289 -4.70 -37.79 -28.05
N SER B 290 -3.75 -36.93 -27.64
CA SER B 290 -2.47 -37.35 -27.09
C SER B 290 -3.22 -37.46 -25.77
N GLY B 291 -3.73 -38.66 -25.46
CA GLY B 291 -4.50 -39.05 -24.27
C GLY B 291 -4.54 -38.08 -23.10
N VAL B 292 -5.31 -37.01 -23.25
CA VAL B 292 -5.41 -36.02 -22.23
C VAL B 292 -6.80 -36.19 -21.67
N THR B 293 -6.96 -36.54 -20.39
CA THR B 293 -8.27 -36.63 -19.77
C THR B 293 -8.95 -35.29 -19.41
N LEU B 294 -10.26 -35.24 -19.47
CA LEU B 294 -10.97 -34.09 -18.94
C LEU B 294 -11.74 -34.60 -17.71
N ASP B 295 -12.06 -33.81 -16.68
CA ASP B 295 -12.85 -34.30 -15.55
C ASP B 295 -14.37 -34.11 -15.80
N GLU B 296 -15.24 -34.56 -14.86
CA GLU B 296 -16.67 -34.46 -15.11
C GLU B 296 -17.13 -32.99 -15.30
N ARG B 297 -16.49 -32.06 -14.59
CA ARG B 297 -16.80 -30.64 -14.75
C ARG B 297 -16.16 -29.90 -15.97
N GLY B 298 -15.27 -30.56 -16.76
CA GLY B 298 -14.60 -29.94 -17.94
C GLY B 298 -13.11 -29.48 -17.80
N PHE B 299 -12.46 -29.82 -16.69
CA PHE B 299 -11.13 -29.35 -16.48
C PHE B 299 -10.21 -30.41 -16.99
N ILE B 300 -9.03 -30.02 -17.36
CA ILE B 300 -8.06 -30.96 -17.85
C ILE B 300 -7.43 -31.56 -16.61
N TYR B 301 -7.38 -32.88 -16.56
CA TYR B 301 -6.70 -33.55 -15.46
C TYR B 301 -5.20 -33.38 -15.72
N VAL B 302 -4.72 -32.88 -14.55
CA VAL B 302 -3.33 -32.67 -14.23
C VAL B 302 -3.16 -33.20 -12.84
N ASP B 303 -1.89 -33.47 -12.47
CA ASP B 303 -1.54 -33.82 -11.11
C ASP B 303 -1.14 -32.58 -10.33
N ASP B 304 -0.55 -32.68 -9.17
CA ASP B 304 -0.10 -31.49 -8.44
C ASP B 304 1.15 -30.83 -9.03
N TYR B 305 1.56 -31.12 -10.23
CA TYR B 305 2.74 -30.52 -10.80
C TYR B 305 2.42 -30.09 -12.23
N CYS B 306 1.09 -29.92 -12.40
CA CYS B 306 0.35 -29.57 -13.63
C CYS B 306 0.72 -30.39 -14.85
N ALA B 307 1.10 -31.64 -14.64
CA ALA B 307 1.50 -32.59 -15.69
C ALA B 307 0.24 -33.40 -15.98
N THR B 308 -0.09 -33.62 -17.28
CA THR B 308 -1.24 -34.42 -17.64
C THR B 308 -0.85 -35.90 -17.66
N SER B 309 -1.81 -36.68 -18.18
CA SER B 309 -1.71 -38.09 -18.51
C SER B 309 -0.72 -38.39 -19.66
N VAL B 310 -0.11 -37.39 -20.30
CA VAL B 310 0.73 -37.64 -21.48
C VAL B 310 2.07 -37.04 -21.12
N PRO B 311 3.15 -37.83 -21.02
CA PRO B 311 4.44 -37.33 -20.55
C PRO B 311 4.86 -36.15 -21.43
N GLY B 312 5.24 -35.03 -20.79
CA GLY B 312 5.68 -33.85 -21.51
C GLY B 312 4.54 -32.86 -21.84
N VAL B 313 3.28 -33.11 -21.51
CA VAL B 313 2.20 -32.19 -21.83
C VAL B 313 1.83 -31.72 -20.42
N TYR B 314 1.68 -30.42 -20.25
CA TYR B 314 1.25 -29.87 -18.98
C TYR B 314 0.09 -28.92 -19.31
N ALA B 315 -0.79 -28.54 -18.40
CA ALA B 315 -1.91 -27.66 -18.64
C ALA B 315 -1.88 -26.80 -17.40
N ILE B 316 -2.00 -25.47 -17.45
CA ILE B 316 -1.89 -24.57 -16.29
C ILE B 316 -2.99 -23.49 -16.29
N GLY B 317 -3.17 -22.72 -15.20
CA GLY B 317 -4.20 -21.69 -15.11
C GLY B 317 -5.63 -22.17 -15.05
N ASP B 318 -6.46 -21.33 -15.64
CA ASP B 318 -7.90 -21.51 -15.63
C ASP B 318 -8.53 -22.75 -16.17
N VAL B 319 -7.85 -23.60 -16.93
CA VAL B 319 -8.41 -24.85 -17.50
C VAL B 319 -8.26 -25.99 -16.49
N VAL B 320 -7.49 -25.73 -15.42
CA VAL B 320 -7.06 -26.67 -14.39
C VAL B 320 -7.57 -26.28 -12.99
N ARG B 321 -7.81 -27.24 -12.08
CA ARG B 321 -8.19 -26.97 -10.70
C ARG B 321 -7.43 -25.85 -9.98
N GLY B 322 -8.05 -25.30 -8.95
CA GLY B 322 -7.42 -24.26 -8.18
C GLY B 322 -8.13 -22.98 -8.39
N ALA B 323 -7.68 -21.91 -7.70
CA ALA B 323 -8.27 -20.58 -7.83
C ALA B 323 -8.09 -20.05 -9.24
N MET B 324 -9.11 -19.48 -9.83
CA MET B 324 -9.03 -18.95 -11.16
C MET B 324 -8.47 -17.53 -11.11
N LEU B 325 -7.24 -17.37 -10.64
CA LEU B 325 -6.65 -16.05 -10.48
C LEU B 325 -5.44 -15.98 -11.39
N ALA B 326 -5.19 -14.74 -11.86
CA ALA B 326 -4.07 -14.49 -12.71
C ALA B 326 -2.71 -14.93 -12.08
N HIS B 327 -2.34 -14.65 -10.83
CA HIS B 327 -1.07 -15.02 -10.23
C HIS B 327 -0.92 -16.53 -9.95
N LYS B 328 -2.05 -17.27 -9.76
CA LYS B 328 -2.04 -18.70 -9.69
C LYS B 328 -1.59 -19.13 -11.09
N ALA B 329 -2.25 -18.78 -12.21
CA ALA B 329 -1.82 -19.19 -13.57
C ALA B 329 -0.38 -18.79 -13.88
N SER B 330 0.07 -17.55 -13.70
CA SER B 330 1.47 -17.22 -13.91
C SER B 330 2.50 -18.07 -13.15
N GLU B 331 2.29 -18.36 -11.83
CA GLU B 331 3.28 -19.16 -11.05
C GLU B 331 3.25 -20.65 -11.39
N GLU B 332 2.05 -21.10 -11.83
CA GLU B 332 1.89 -22.40 -12.44
C GLU B 332 2.77 -22.42 -13.67
N GLY B 333 2.93 -21.33 -14.42
CA GLY B 333 3.68 -21.32 -15.65
C GLY B 333 5.19 -21.36 -15.45
N VAL B 334 5.71 -20.64 -14.46
CA VAL B 334 7.13 -20.64 -14.22
C VAL B 334 7.58 -21.95 -13.53
N VAL B 335 6.79 -22.47 -12.61
CA VAL B 335 7.00 -23.71 -11.91
C VAL B 335 7.06 -24.80 -12.92
N VAL B 336 6.01 -24.84 -13.80
CA VAL B 336 6.02 -25.80 -14.94
C VAL B 336 7.24 -25.71 -15.88
N ALA B 337 7.64 -24.51 -16.31
CA ALA B 337 8.79 -24.26 -17.11
C ALA B 337 10.00 -24.85 -16.44
N GLU B 338 10.28 -24.55 -15.15
CA GLU B 338 11.37 -25.14 -14.37
C GLU B 338 11.37 -26.66 -14.24
N ARG B 339 10.24 -27.34 -14.01
CA ARG B 339 10.12 -28.78 -14.07
C ARG B 339 10.54 -29.28 -15.46
N ILE B 340 10.31 -28.60 -16.58
CA ILE B 340 10.85 -29.05 -17.86
C ILE B 340 12.34 -28.78 -17.95
N ALA B 341 12.93 -27.78 -17.27
CA ALA B 341 14.36 -27.59 -17.39
C ALA B 341 15.15 -28.11 -16.17
N GLY B 342 15.30 -27.24 -15.15
CA GLY B 342 16.07 -27.48 -13.94
C GLY B 342 15.06 -27.67 -12.82
N HIS B 343 14.55 -28.89 -12.97
CA HIS B 343 13.46 -29.45 -12.25
C HIS B 343 13.07 -28.87 -10.93
N LYS B 344 13.71 -29.22 -9.79
CA LYS B 344 13.37 -28.81 -8.41
C LYS B 344 12.28 -27.70 -8.19
N ALA B 345 10.97 -27.91 -8.43
CA ALA B 345 9.96 -26.86 -8.19
C ALA B 345 8.58 -27.41 -7.76
N GLN B 346 7.89 -26.82 -6.78
CA GLN B 346 6.48 -27.14 -6.52
C GLN B 346 5.82 -25.86 -6.00
N MET B 347 4.57 -25.66 -6.37
CA MET B 347 3.84 -24.48 -5.98
C MET B 347 3.09 -24.65 -4.66
N ASN B 348 3.19 -23.66 -3.79
CA ASN B 348 2.40 -23.69 -2.58
C ASN B 348 1.09 -22.96 -2.88
N TYR B 349 0.08 -23.82 -2.87
CA TYR B 349 -1.25 -23.40 -3.13
C TYR B 349 -1.94 -22.91 -1.89
N ASP B 350 -1.29 -23.06 -0.73
CA ASP B 350 -1.94 -22.66 0.52
C ASP B 350 -1.72 -21.21 0.87
N LEU B 351 -1.06 -20.49 -0.01
CA LEU B 351 -0.70 -19.14 0.25
C LEU B 351 -0.82 -18.33 -1.01
N ILE B 352 -1.97 -18.31 -1.69
CA ILE B 352 -2.15 -17.43 -2.85
C ILE B 352 -3.18 -16.46 -2.33
N PRO B 353 -2.87 -15.15 -2.30
CA PRO B 353 -3.81 -14.10 -1.89
C PRO B 353 -5.01 -13.87 -2.78
N ALA B 354 -6.18 -13.35 -2.35
CA ALA B 354 -7.32 -13.13 -3.25
C ALA B 354 -7.75 -11.73 -2.92
N VAL B 355 -8.02 -10.92 -3.95
CA VAL B 355 -8.33 -9.50 -3.73
C VAL B 355 -9.58 -9.04 -4.50
N ILE B 356 -10.55 -8.30 -3.96
CA ILE B 356 -11.54 -7.64 -4.80
C ILE B 356 -11.30 -6.13 -4.57
N TYR B 357 -11.20 -5.44 -5.70
CA TYR B 357 -10.72 -4.08 -5.64
C TYR B 357 -11.85 -3.06 -5.55
N THR B 358 -12.68 -3.23 -4.53
CA THR B 358 -13.79 -2.34 -4.26
C THR B 358 -13.49 -1.10 -3.44
N HIS B 359 -14.50 -0.33 -3.06
CA HIS B 359 -14.41 0.74 -2.02
C HIS B 359 -14.69 0.11 -0.64
N PRO B 360 -13.87 -0.08 0.42
CA PRO B 360 -12.45 -0.42 0.36
C PRO B 360 -12.09 -1.82 -0.20
N GLU B 361 -10.80 -2.10 -0.44
CA GLU B 361 -10.42 -3.38 -0.99
C GLU B 361 -10.63 -4.56 -0.06
N ILE B 362 -11.02 -5.74 -0.52
CA ILE B 362 -11.16 -6.88 0.35
C ILE B 362 -9.98 -7.79 -0.09
N ALA B 363 -9.21 -8.38 0.80
CA ALA B 363 -8.10 -9.26 0.46
C ALA B 363 -7.88 -10.19 1.68
N GLY B 364 -7.17 -11.31 1.47
CA GLY B 364 -6.96 -12.36 2.42
C GLY B 364 -5.97 -13.38 1.88
N VAL B 365 -5.20 -14.01 2.78
CA VAL B 365 -4.21 -15.01 2.46
C VAL B 365 -4.40 -15.97 3.60
N GLY B 366 -4.12 -17.23 3.24
CA GLY B 366 -4.22 -18.29 4.24
C GLY B 366 -5.66 -18.67 4.54
N LYS B 367 -5.84 -19.28 5.69
CA LYS B 367 -7.15 -19.82 5.99
C LYS B 367 -8.12 -18.88 6.70
N THR B 368 -9.39 -19.06 6.41
CA THR B 368 -10.38 -18.21 7.03
C THR B 368 -10.73 -18.80 8.39
N GLU B 369 -11.25 -17.97 9.31
CA GLU B 369 -11.71 -18.46 10.59
C GLU B 369 -12.79 -19.57 10.54
N GLN B 370 -13.80 -19.56 9.66
CA GLN B 370 -14.81 -20.65 9.58
C GLN B 370 -14.30 -21.96 9.08
N ALA B 371 -13.24 -21.92 8.28
CA ALA B 371 -12.64 -23.13 7.76
C ALA B 371 -11.84 -23.70 8.92
N LEU B 372 -11.10 -22.88 9.67
CA LEU B 372 -10.36 -23.27 10.87
C LEU B 372 -11.24 -23.93 11.93
N LYS B 373 -12.48 -23.48 12.07
CA LYS B 373 -13.50 -24.13 12.91
C LYS B 373 -14.04 -25.49 12.44
N ALA B 374 -13.94 -25.82 11.15
CA ALA B 374 -14.51 -27.07 10.67
C ALA B 374 -13.48 -28.16 10.89
N GLU B 375 -12.17 -27.89 10.93
CA GLU B 375 -11.30 -28.97 11.34
C GLU B 375 -10.57 -28.42 12.54
N GLY B 376 -11.40 -28.22 13.53
CA GLY B 376 -11.11 -27.68 14.84
C GLY B 376 -9.69 -27.35 15.23
N VAL B 377 -9.15 -26.30 14.61
CA VAL B 377 -7.84 -25.83 15.02
C VAL B 377 -8.22 -24.76 16.04
N ALA B 378 -7.84 -24.87 17.35
CA ALA B 378 -8.16 -23.77 18.26
C ALA B 378 -7.35 -22.54 17.79
N ILE B 379 -8.03 -21.42 17.46
CA ILE B 379 -7.32 -20.28 16.94
C ILE B 379 -7.31 -19.13 17.92
N ASN B 380 -6.34 -18.25 17.84
CA ASN B 380 -6.37 -16.99 18.58
C ASN B 380 -6.47 -15.94 17.48
N VAL B 381 -7.17 -14.86 17.79
CA VAL B 381 -7.42 -13.86 16.77
C VAL B 381 -7.28 -12.44 17.35
N GLY B 382 -6.69 -11.56 16.57
CA GLY B 382 -6.50 -10.18 16.93
C GLY B 382 -7.03 -9.32 15.80
N VAL B 383 -7.65 -8.15 16.04
CA VAL B 383 -8.22 -7.33 14.97
C VAL B 383 -7.84 -5.87 15.21
N PHE B 384 -7.72 -5.01 14.21
CA PHE B 384 -7.41 -3.61 14.46
C PHE B 384 -8.11 -2.83 13.39
N PRO B 385 -8.90 -1.82 13.80
CA PRO B 385 -9.71 -1.00 12.90
C PRO B 385 -9.09 0.29 12.41
N PHE B 386 -9.17 0.53 11.09
CA PHE B 386 -8.55 1.70 10.50
C PHE B 386 -9.18 2.97 11.16
N ALA B 387 -10.27 2.88 11.90
CA ALA B 387 -10.81 4.12 12.58
C ALA B 387 -9.84 4.63 13.67
N ALA B 388 -8.93 3.74 14.02
CA ALA B 388 -7.93 3.95 15.08
C ALA B 388 -6.53 4.20 14.49
N SER B 389 -6.44 4.27 13.18
CA SER B 389 -5.16 4.56 12.52
C SER B 389 -5.07 6.06 12.25
N GLY B 390 -4.16 6.83 12.90
CA GLY B 390 -3.95 8.25 12.60
C GLY B 390 -3.61 8.51 11.13
N ARG B 391 -3.04 7.49 10.43
CA ARG B 391 -2.72 7.62 8.99
C ARG B 391 -3.97 7.59 8.12
N ALA B 392 -4.79 6.53 8.27
CA ALA B 392 -6.03 6.38 7.54
C ALA B 392 -6.92 7.58 7.88
N MET B 393 -7.06 7.97 9.12
CA MET B 393 -7.70 9.21 9.50
C MET B 393 -7.22 10.46 8.71
N ALA B 394 -5.92 10.71 8.60
CA ALA B 394 -5.41 11.80 7.78
C ALA B 394 -5.92 11.68 6.35
N ALA B 395 -5.81 10.51 5.71
CA ALA B 395 -6.31 10.29 4.33
C ALA B 395 -7.80 10.37 4.11
N ASN B 396 -8.55 10.64 5.19
CA ASN B 396 -10.03 10.62 5.22
C ASN B 396 -10.52 9.24 4.76
N ASP B 397 -9.94 8.20 5.35
CA ASP B 397 -10.23 6.87 4.84
C ASP B 397 -10.25 5.83 5.91
N THR B 398 -11.28 5.89 6.72
CA THR B 398 -11.23 5.09 7.90
C THR B 398 -11.93 3.76 7.94
N ALA B 399 -12.49 3.27 6.82
CA ALA B 399 -13.23 2.06 6.92
C ALA B 399 -12.51 0.72 6.88
N GLY B 400 -12.90 -0.15 7.79
CA GLY B 400 -12.49 -1.53 7.75
C GLY B 400 -11.60 -1.93 8.88
N PHE B 401 -10.94 -3.07 8.71
CA PHE B 401 -10.04 -3.61 9.75
C PHE B 401 -9.04 -4.60 9.22
N VAL B 402 -8.08 -4.96 10.03
CA VAL B 402 -7.14 -6.01 9.72
C VAL B 402 -7.48 -7.11 10.70
N LYS B 403 -7.41 -8.36 10.22
CA LYS B 403 -7.66 -9.52 11.05
C LYS B 403 -6.48 -10.51 10.95
N VAL B 404 -5.80 -10.75 12.07
CA VAL B 404 -4.76 -11.78 12.13
C VAL B 404 -5.25 -12.93 13.04
N ILE B 405 -5.03 -14.12 12.47
CA ILE B 405 -5.43 -15.37 13.07
C ILE B 405 -4.19 -16.20 13.24
N ALA B 406 -4.00 -16.86 14.37
CA ALA B 406 -2.86 -17.67 14.72
C ALA B 406 -3.18 -18.97 15.39
N ASP B 407 -2.27 -19.97 15.32
CA ASP B 407 -2.42 -21.23 16.07
C ASP B 407 -2.39 -20.97 17.61
N ALA B 408 -3.44 -21.22 18.40
CA ALA B 408 -3.44 -20.98 19.83
C ALA B 408 -2.33 -21.62 20.64
N LYS B 409 -1.70 -22.71 20.15
CA LYS B 409 -0.52 -23.27 20.76
C LYS B 409 0.66 -22.99 19.85
N THR B 410 1.48 -22.08 20.37
CA THR B 410 2.67 -21.55 19.71
C THR B 410 2.31 -20.97 18.35
N ASP B 411 1.63 -19.82 18.54
CA ASP B 411 0.94 -19.00 17.55
C ASP B 411 1.39 -18.70 16.13
N ARG B 412 1.79 -19.68 15.36
CA ARG B 412 2.16 -19.50 13.97
C ARG B 412 0.98 -18.82 13.29
N VAL B 413 1.23 -17.85 12.41
CA VAL B 413 0.18 -17.12 11.71
C VAL B 413 -0.53 -18.00 10.70
N LEU B 414 -1.84 -18.22 10.91
CA LEU B 414 -2.55 -19.09 9.99
C LEU B 414 -3.35 -18.30 8.96
N GLY B 415 -3.92 -17.12 9.22
CA GLY B 415 -4.56 -16.34 8.17
C GLY B 415 -4.35 -14.82 8.34
N VAL B 416 -4.37 -14.02 7.29
CA VAL B 416 -4.29 -12.57 7.43
C VAL B 416 -5.37 -12.22 6.45
N HIS B 417 -6.38 -11.49 6.88
CA HIS B 417 -7.50 -11.08 6.05
C HIS B 417 -7.80 -9.67 6.46
N VAL B 418 -8.32 -8.84 5.54
CA VAL B 418 -8.58 -7.40 5.72
C VAL B 418 -9.48 -6.75 4.65
N ILE B 419 -10.31 -5.83 5.11
CA ILE B 419 -11.08 -5.00 4.22
C ILE B 419 -10.52 -3.66 4.71
N GLY B 420 -10.09 -2.79 3.83
CA GLY B 420 -9.50 -1.52 4.27
C GLY B 420 -8.82 -0.77 3.11
N PRO B 421 -8.23 0.42 3.35
CA PRO B 421 -7.35 1.02 2.37
C PRO B 421 -6.11 0.13 2.28
N SER B 422 -5.65 -0.03 1.04
CA SER B 422 -4.51 -0.89 0.73
C SER B 422 -4.64 -2.36 1.16
N ALA B 423 -5.83 -3.02 1.08
CA ALA B 423 -5.91 -4.39 1.54
C ALA B 423 -4.91 -5.32 0.85
N ALA B 424 -4.68 -5.13 -0.48
CA ALA B 424 -3.77 -5.94 -1.29
C ALA B 424 -2.38 -5.85 -0.71
N GLU B 425 -1.93 -4.62 -0.42
CA GLU B 425 -0.54 -4.46 0.05
C GLU B 425 -0.24 -5.04 1.43
N LEU B 426 -1.18 -4.89 2.37
CA LEU B 426 -0.91 -5.37 3.69
C LEU B 426 -1.09 -6.87 3.70
N VAL B 427 -1.94 -7.47 2.82
CA VAL B 427 -2.11 -8.91 2.88
C VAL B 427 -0.85 -9.51 2.32
N GLN B 428 -0.28 -8.90 1.28
CA GLN B 428 1.00 -9.32 0.77
C GLN B 428 2.07 -9.30 1.86
N GLN B 429 2.07 -8.33 2.78
CA GLN B 429 3.01 -8.36 3.94
C GLN B 429 2.69 -9.53 4.87
N GLY B 430 1.37 -9.75 5.04
CA GLY B 430 0.96 -10.94 5.82
C GLY B 430 1.49 -12.20 5.15
N ALA B 431 1.41 -12.25 3.82
CA ALA B 431 1.78 -13.42 3.03
C ALA B 431 3.26 -13.72 3.01
N ILE B 432 4.14 -12.69 2.88
CA ILE B 432 5.60 -12.76 2.89
C ILE B 432 6.08 -13.28 4.23
N ALA B 433 5.57 -12.75 5.33
CA ALA B 433 5.88 -13.36 6.61
C ALA B 433 5.39 -14.77 6.83
N MET B 434 4.19 -15.16 6.37
CA MET B 434 3.64 -16.51 6.53
C MET B 434 4.57 -17.52 5.88
N GLU B 435 5.12 -17.06 4.76
CA GLU B 435 6.13 -17.76 3.99
C GLU B 435 7.38 -18.03 4.83
N PHE B 436 7.73 -17.18 5.82
CA PHE B 436 8.84 -17.57 6.67
C PHE B 436 8.41 -18.19 8.00
N GLY B 437 7.17 -18.74 8.05
CA GLY B 437 6.60 -19.39 9.22
C GLY B 437 6.42 -18.51 10.48
N THR B 438 6.08 -17.25 10.18
CA THR B 438 5.98 -16.26 11.24
C THR B 438 4.96 -16.62 12.32
N SER B 439 5.13 -16.03 13.47
CA SER B 439 4.18 -16.08 14.53
C SER B 439 3.71 -14.63 14.60
N ALA B 440 2.67 -14.40 15.38
CA ALA B 440 2.18 -13.05 15.70
C ALA B 440 3.19 -12.31 16.56
N GLU B 441 3.94 -12.97 17.46
CA GLU B 441 4.98 -12.24 18.22
C GLU B 441 6.09 -11.68 17.34
N ASP B 442 6.49 -12.36 16.26
CA ASP B 442 7.46 -11.85 15.30
C ASP B 442 6.99 -10.57 14.68
N LEU B 443 5.72 -10.56 14.32
CA LEU B 443 5.07 -9.47 13.61
C LEU B 443 4.99 -8.22 14.48
N GLY B 444 4.65 -8.51 15.71
CA GLY B 444 4.50 -7.52 16.76
C GLY B 444 5.79 -6.96 17.19
N MET B 445 6.83 -7.78 17.26
CA MET B 445 8.15 -7.31 17.59
C MET B 445 8.77 -6.51 16.45
N MET B 446 8.10 -6.17 15.34
CA MET B 446 8.78 -5.42 14.28
C MET B 446 8.61 -3.91 14.31
N VAL B 447 9.49 -3.16 13.64
CA VAL B 447 9.52 -1.68 13.57
C VAL B 447 8.68 -1.27 12.36
N PHE B 448 7.51 -0.68 12.52
CA PHE B 448 6.69 -0.41 11.35
C PHE B 448 6.76 1.07 11.29
N ALA B 449 7.13 1.71 10.15
CA ALA B 449 7.00 3.19 10.00
C ALA B 449 5.62 3.79 10.40
N HIS B 450 5.61 4.99 10.99
CA HIS B 450 4.45 5.72 11.48
C HIS B 450 4.48 7.10 10.80
N PRO B 451 3.36 7.69 10.36
CA PRO B 451 2.11 6.95 10.15
C PRO B 451 2.09 6.17 8.83
N ALA B 452 1.65 4.93 8.82
CA ALA B 452 1.58 4.10 7.63
C ALA B 452 0.34 3.25 7.80
N LEU B 453 -0.35 2.86 6.73
CA LEU B 453 -1.46 1.93 6.96
C LEU B 453 -0.92 0.61 7.49
N SER B 454 0.27 0.10 7.13
CA SER B 454 0.90 -1.07 7.71
C SER B 454 0.75 -1.34 9.24
N GLU B 455 0.66 -0.23 9.98
CA GLU B 455 0.67 -0.24 11.43
C GLU B 455 -0.53 -1.01 11.90
N ALA B 456 -1.63 -0.95 11.17
CA ALA B 456 -2.81 -1.69 11.53
C ALA B 456 -2.60 -3.22 11.38
N LEU B 457 -1.63 -3.80 10.59
CA LEU B 457 -1.36 -5.23 10.72
C LEU B 457 -0.53 -5.53 12.00
N HIS B 458 0.48 -4.69 12.24
CA HIS B 458 1.36 -4.72 13.44
C HIS B 458 0.51 -4.78 14.71
N GLU B 459 -0.49 -3.93 14.76
CA GLU B 459 -1.46 -3.89 15.82
C GLU B 459 -2.45 -5.04 15.91
N ALA B 460 -2.94 -5.57 14.76
CA ALA B 460 -3.74 -6.79 14.80
C ALA B 460 -2.73 -7.86 15.32
N ALA B 461 -1.47 -8.12 14.86
CA ALA B 461 -0.56 -9.10 15.49
C ALA B 461 -0.29 -8.89 16.97
N LEU B 462 0.03 -7.70 17.50
CA LEU B 462 0.06 -7.40 18.95
C LEU B 462 -1.16 -7.84 19.75
N ALA B 463 -2.33 -7.75 19.10
CA ALA B 463 -3.62 -8.02 19.66
C ALA B 463 -3.95 -9.49 19.76
N VAL B 464 -3.36 -10.44 19.01
CA VAL B 464 -3.59 -11.90 19.13
C VAL B 464 -3.48 -12.32 20.62
N SER B 465 -2.37 -11.83 21.18
CA SER B 465 -1.96 -12.00 22.59
C SER B 465 -2.58 -11.03 23.61
N GLY B 466 -3.40 -10.11 23.10
CA GLY B 466 -4.05 -9.06 23.84
C GLY B 466 -3.13 -7.94 24.29
N HIS B 467 -2.15 -7.54 23.50
CA HIS B 467 -1.38 -6.38 23.94
C HIS B 467 -1.04 -5.41 22.81
N ALA B 468 -2.14 -4.88 22.29
CA ALA B 468 -2.16 -3.81 21.30
C ALA B 468 -2.14 -2.51 22.10
N ILE B 469 -1.43 -1.54 21.59
CA ILE B 469 -1.29 -0.26 22.28
C ILE B 469 -2.44 0.71 22.06
N HIS B 470 -2.90 0.79 20.84
CA HIS B 470 -3.84 1.85 20.48
C HIS B 470 -5.31 1.49 20.53
N VAL B 471 -5.62 0.54 21.43
CA VAL B 471 -6.95 -0.04 21.46
C VAL B 471 -7.10 -0.78 22.82
N ALA B 472 -6.24 -1.79 23.10
CA ALA B 472 -5.98 -2.40 24.41
C ALA B 472 -5.29 -3.82 24.31
#